data_4RHV
#
_entry.id   4RHV
#
_cell.length_a   445.100
_cell.length_b   445.100
_cell.length_c   445.100
_cell.angle_alpha   90.00
_cell.angle_beta   90.00
_cell.angle_gamma   90.00
#
_symmetry.space_group_name_H-M   'P 21 3'
#
loop_
_entity.id
_entity.type
_entity.pdbx_description
1 polymer 'HUMAN RHINOVIRUS 14 COAT PROTEIN (SUBUNIT VP1)'
2 polymer 'HUMAN RHINOVIRUS 14 COAT PROTEIN (SUBUNIT VP2)'
3 polymer 'HUMAN RHINOVIRUS 14 COAT PROTEIN (SUBUNIT VP3)'
4 polymer 'HUMAN RHINOVIRUS 14 COAT PROTEIN (SUBUNIT VP4)'
5 water water
#
loop_
_entity_poly.entity_id
_entity_poly.type
_entity_poly.pdbx_seq_one_letter_code
_entity_poly.pdbx_strand_id
1 'polypeptide(L)'
;GLGDELEEVIVEKTKQTVASISSGPKHTQKVPILTANETGATMPVLPSDSIETRTTYMHFNGSETDVECFLGRAACVHVT
EIQNKDATGIDNHREAKLFNDWKINLSSLVQLRKKLELFTYVRFDSEYTILATASQPDSANYSSNLVVQAMYVPPGAPNP
KEWDDYTWQSASNPSVFFKVGDTSRFSVPYVGLASAYNCFYDGYSHDDAETQYGITVLNHMGSMAFRIVNEHDEHKTLVK
IRVYHRAKHVEAWIPRAPRALPYTSIGRTNYPKNTEPVIKKRKGDIKSY
;
1
2 'polypeptide(L)'
;SPNVEACGYSDRVQQITLGNSTITTQEAANAVVCYAEWPEYLPDVDASDVNKTSKPDTSVCRFYTLDSKTWTTGSKGWCW
KLPDALKDMGVFGQNMFFHSLGRSGYTVHVQCNATKFHSGCLLVVVIPEHQLASHEGGNVSVKYTFTHPGERGIDLSSAN
EVGGPVKDVLYNMNGTLLGNLLIFPHQFINLRTNNTATIVIPYINSVPIDSMTRHNNVSLMVIPIAPLTVPTGATPSLPI
TVTIAPMCTEFSGIRSKSIVPQ
;
2
3 'polypeptide(L)'
;GLPTTTLPGSGQFLTTDDRQSPSALPNYEPTPRIHIPGKVHNLLEIIQVDTLIPMNNTHTKDEVNSYLIPLNANRQNEQV
FGTNLFIGDGVFKTTLLGEIVQYYTHWSGSLRFSLMYTGPALSSAKLILAYTPPGARGPQDRREAMLGTHVVWDIGLQST
IVMTIPWTSGVQFRYTDPDTYTSAGFLSCWYQTSLILPPETTGQVYLLSFISACPDFKLRLMKDTQTISQTVALTE
;
3
4 'polypeptide(L)' GAQVSTQKSGSHENQNILTNGSNQTFTVINYYKDAASTSSAGQSLSMDPSKFTEPVKDLMLKGAPALN 4
#
# COMPACT_ATOMS: atom_id res chain seq x y z
N THR A 17 -22.16 20.34 -8.25
CA THR A 17 -21.16 20.37 -7.17
C THR A 17 -20.11 21.48 -7.03
N VAL A 18 -20.00 22.10 -5.82
CA VAL A 18 -19.00 23.21 -5.91
C VAL A 18 -17.63 22.66 -5.59
N ALA A 19 -16.65 23.10 -6.35
CA ALA A 19 -15.25 22.76 -6.13
C ALA A 19 -14.63 23.74 -5.14
N SER A 20 -15.16 24.92 -5.16
CA SER A 20 -14.64 25.94 -4.19
C SER A 20 -15.83 26.85 -3.94
N ILE A 21 -16.00 27.29 -2.70
CA ILE A 21 -17.05 28.25 -2.43
C ILE A 21 -16.38 29.66 -2.40
N SER A 22 -17.23 30.64 -2.30
CA SER A 22 -16.68 32.01 -2.26
C SER A 22 -16.23 32.31 -0.89
N SER A 23 -15.14 32.81 -0.56
CA SER A 23 -14.88 33.07 0.94
C SER A 23 -14.13 34.33 1.04
N GLY A 24 -14.24 35.14 2.05
CA GLY A 24 -13.56 36.51 2.06
C GLY A 24 -12.62 36.60 3.20
N PRO A 25 -12.26 37.81 3.63
CA PRO A 25 -11.25 38.03 4.69
C PRO A 25 -11.70 37.29 5.94
N LYS A 26 -10.93 36.89 6.84
CA LYS A 26 -11.13 36.17 8.10
C LYS A 26 -10.33 36.82 9.23
N HIS A 27 -10.75 36.99 10.42
CA HIS A 27 -9.87 37.52 11.54
C HIS A 27 -10.46 36.76 12.74
N THR A 28 -10.28 35.52 12.92
CA THR A 28 -10.83 34.71 13.87
C THR A 28 -9.89 34.09 14.92
N GLN A 29 -10.58 33.43 15.80
CA GLN A 29 -10.11 32.73 16.97
C GLN A 29 -10.26 31.25 16.57
N LYS A 30 -10.74 31.06 15.39
CA LYS A 30 -11.04 29.68 14.89
C LYS A 30 -10.09 29.39 13.75
N VAL A 31 -8.98 28.74 13.98
CA VAL A 31 -7.92 28.55 12.96
C VAL A 31 -7.93 27.18 12.39
N PRO A 32 -8.54 26.89 11.27
CA PRO A 32 -8.58 25.56 10.70
C PRO A 32 -7.24 25.08 10.17
N ILE A 33 -6.24 25.91 10.01
CA ILE A 33 -4.99 25.45 9.41
C ILE A 33 -4.01 25.01 10.46
N LEU A 34 -4.22 25.10 11.73
CA LEU A 34 -3.22 24.62 12.73
C LEU A 34 -3.66 23.24 13.16
N THR A 35 -2.94 22.22 12.98
CA THR A 35 -3.43 20.90 13.47
C THR A 35 -2.39 20.16 14.19
N ALA A 36 -2.52 18.93 14.59
CA ALA A 36 -1.50 18.10 15.25
C ALA A 36 -1.36 16.80 14.47
N ASN A 37 -0.50 16.61 13.51
CA ASN A 37 -0.40 15.45 12.67
C ASN A 37 -0.04 14.21 13.45
N GLU A 38 0.31 14.41 14.73
CA GLU A 38 0.72 13.26 15.49
C GLU A 38 -0.45 12.32 15.71
N THR A 39 -1.66 12.81 15.49
CA THR A 39 -2.91 12.11 15.77
C THR A 39 -3.17 11.04 14.74
N GLY A 40 -2.61 11.18 13.55
CA GLY A 40 -2.80 10.18 12.51
C GLY A 40 -3.88 10.66 11.59
N ALA A 41 -4.47 11.79 11.79
CA ALA A 41 -5.55 12.19 10.82
C ALA A 41 -5.03 13.04 9.71
N THR A 42 -5.64 13.14 8.55
CA THR A 42 -5.33 14.21 7.56
C THR A 42 -6.57 15.11 7.57
N MET A 43 -6.48 16.17 8.30
CA MET A 43 -7.58 17.15 8.39
C MET A 43 -7.92 17.71 7.03
N PRO A 44 -9.20 17.73 6.71
CA PRO A 44 -9.70 18.17 5.40
C PRO A 44 -9.66 19.64 5.10
N VAL A 45 -8.49 20.20 5.03
CA VAL A 45 -8.31 21.65 4.77
C VAL A 45 -8.45 21.93 3.29
N LEU A 46 -9.05 23.07 2.99
CA LEU A 46 -9.33 23.57 1.62
C LEU A 46 -8.76 24.94 1.34
N PRO A 47 -8.61 25.26 0.05
CA PRO A 47 -8.11 26.59 -0.33
C PRO A 47 -8.83 27.66 0.39
N SER A 48 -10.13 27.50 0.57
CA SER A 48 -10.93 28.59 1.18
C SER A 48 -10.68 28.61 2.66
N ASP A 49 -9.68 28.10 3.24
CA ASP A 49 -9.54 28.17 4.72
C ASP A 49 -8.40 29.15 4.98
N SER A 50 -7.70 29.36 3.86
CA SER A 50 -6.51 30.19 4.00
C SER A 50 -6.36 31.20 2.92
N ILE A 51 -7.05 31.33 1.85
CA ILE A 51 -7.02 32.47 0.94
C ILE A 51 -8.47 32.89 0.69
N GLU A 52 -8.73 33.98 0.02
CA GLU A 52 -10.12 34.39 -0.32
C GLU A 52 -10.46 33.72 -1.63
N THR A 53 -11.47 32.91 -1.81
CA THR A 53 -11.83 32.20 -3.04
C THR A 53 -13.12 32.72 -3.62
N ARG A 54 -13.42 32.25 -4.81
CA ARG A 54 -14.62 32.62 -5.61
C ARG A 54 -15.34 31.31 -5.87
N THR A 55 -16.58 31.26 -6.17
CA THR A 55 -17.18 29.95 -6.48
C THR A 55 -16.73 29.40 -7.81
N THR A 56 -16.55 28.10 -7.82
CA THR A 56 -16.23 27.32 -9.03
C THR A 56 -16.88 25.94 -8.82
N TYR A 57 -17.28 25.33 -9.93
CA TYR A 57 -17.87 23.95 -9.87
C TYR A 57 -16.91 22.92 -10.34
N MET A 58 -17.19 21.69 -9.93
CA MET A 58 -16.27 20.55 -10.21
C MET A 58 -16.39 20.14 -11.62
N HIS A 59 -17.57 20.02 -12.17
CA HIS A 59 -17.61 19.52 -13.58
C HIS A 59 -16.93 18.16 -13.65
N PHE A 60 -16.89 17.31 -12.68
CA PHE A 60 -16.12 16.02 -12.82
C PHE A 60 -16.59 15.01 -11.84
N ASN A 61 -16.60 13.73 -11.99
CA ASN A 61 -17.09 12.77 -11.06
C ASN A 61 -16.08 11.86 -10.53
N GLY A 62 -14.96 11.70 -11.14
CA GLY A 62 -13.96 10.74 -10.56
C GLY A 62 -14.30 9.34 -11.03
N SER A 63 -14.92 9.18 -12.16
CA SER A 63 -15.28 7.98 -12.81
C SER A 63 -14.14 6.99 -13.12
N GLU A 64 -13.04 7.59 -13.60
CA GLU A 64 -11.90 6.80 -14.21
C GLU A 64 -10.83 6.42 -13.23
N THR A 65 -11.14 6.62 -11.97
CA THR A 65 -10.26 6.33 -10.85
C THR A 65 -11.01 5.31 -9.97
N ASP A 66 -12.17 4.90 -10.42
CA ASP A 66 -12.88 3.84 -9.69
C ASP A 66 -12.02 2.60 -9.69
N VAL A 67 -11.91 1.79 -8.69
CA VAL A 67 -11.02 0.61 -8.79
C VAL A 67 -11.53 -0.30 -9.89
N GLU A 68 -12.80 -0.26 -10.25
CA GLU A 68 -13.21 -1.25 -11.30
C GLU A 68 -12.53 -0.82 -12.56
N CYS A 69 -12.37 0.44 -12.76
CA CYS A 69 -11.80 0.99 -13.99
C CYS A 69 -10.30 0.77 -13.99
N PHE A 70 -9.73 1.00 -12.82
CA PHE A 70 -8.25 0.93 -12.66
C PHE A 70 -7.76 -0.48 -12.97
N LEU A 71 -8.44 -1.53 -12.50
CA LEU A 71 -7.97 -2.88 -12.71
C LEU A 71 -8.74 -3.51 -13.87
N GLY A 72 -9.65 -2.77 -14.46
CA GLY A 72 -10.49 -3.40 -15.49
C GLY A 72 -10.03 -3.38 -16.88
N ARG A 73 -8.81 -3.22 -17.26
CA ARG A 73 -8.45 -3.29 -18.75
C ARG A 73 -7.56 -4.49 -18.88
N ALA A 74 -7.50 -5.13 -19.99
CA ALA A 74 -6.63 -6.31 -20.20
C ALA A 74 -5.17 -5.98 -20.04
N ALA A 75 -4.36 -6.71 -19.34
CA ALA A 75 -2.91 -6.54 -19.20
C ALA A 75 -2.25 -7.83 -19.65
N CYS A 76 -1.08 -7.78 -20.25
CA CYS A 76 -0.40 -9.07 -20.66
C CYS A 76 0.10 -9.73 -19.40
N VAL A 77 -0.24 -10.94 -19.17
CA VAL A 77 0.19 -11.56 -17.91
C VAL A 77 1.16 -12.67 -18.21
N HIS A 78 1.38 -13.08 -19.43
CA HIS A 78 2.22 -14.30 -19.67
C HIS A 78 2.51 -14.48 -21.14
N VAL A 79 3.77 -14.77 -21.44
CA VAL A 79 4.06 -15.10 -22.86
C VAL A 79 4.73 -16.46 -22.86
N THR A 80 4.29 -17.43 -23.50
CA THR A 80 4.93 -18.76 -23.53
C THR A 80 5.11 -19.12 -24.98
N GLU A 81 5.64 -20.31 -25.23
CA GLU A 81 5.79 -20.76 -26.64
C GLU A 81 5.87 -22.30 -26.71
N ILE A 82 5.27 -22.79 -27.75
CA ILE A 82 5.18 -24.20 -28.10
C ILE A 82 5.53 -24.35 -29.56
N GLN A 83 5.99 -25.53 -30.02
CA GLN A 83 6.20 -25.70 -31.47
C GLN A 83 5.53 -26.96 -32.04
N ASN A 84 5.28 -26.88 -33.33
CA ASN A 84 4.66 -28.04 -34.01
C ASN A 84 5.86 -28.64 -34.74
N LYS A 85 6.18 -29.84 -34.42
CA LYS A 85 7.35 -30.49 -35.15
C LYS A 85 7.19 -31.97 -34.99
N ASP A 86 7.91 -32.78 -35.73
CA ASP A 86 7.80 -34.25 -35.61
C ASP A 86 8.29 -34.74 -34.23
N ALA A 87 7.37 -35.41 -33.49
CA ALA A 87 7.76 -35.78 -32.12
C ALA A 87 8.50 -37.11 -32.13
N THR A 88 8.56 -37.63 -33.33
CA THR A 88 9.29 -38.89 -33.50
C THR A 88 10.69 -38.79 -32.90
N GLY A 89 10.88 -39.78 -31.98
CA GLY A 89 12.12 -39.83 -31.16
C GLY A 89 12.29 -38.74 -30.13
N ILE A 90 11.17 -38.14 -29.64
CA ILE A 90 11.44 -37.03 -28.64
C ILE A 90 11.16 -37.71 -27.32
N ASP A 91 12.17 -37.57 -26.45
CA ASP A 91 11.87 -38.38 -25.18
C ASP A 91 11.13 -37.56 -24.21
N ASN A 92 10.96 -36.26 -24.50
CA ASN A 92 10.37 -35.39 -23.43
C ASN A 92 9.68 -34.20 -24.12
N HIS A 93 8.40 -34.47 -24.37
CA HIS A 93 7.62 -33.53 -25.17
C HIS A 93 7.65 -32.16 -24.50
N ARG A 94 7.54 -32.31 -23.19
CA ARG A 94 7.39 -31.03 -22.39
C ARG A 94 8.64 -30.24 -22.65
N GLU A 95 9.75 -31.00 -22.60
CA GLU A 95 11.01 -30.35 -22.84
C GLU A 95 11.24 -29.87 -24.24
N ALA A 96 10.60 -30.38 -25.26
CA ALA A 96 10.79 -29.95 -26.67
C ALA A 96 9.83 -28.80 -27.00
N LYS A 97 9.09 -28.31 -25.97
CA LYS A 97 8.02 -27.37 -26.16
C LYS A 97 6.99 -27.99 -27.17
N LEU A 98 6.81 -29.28 -27.05
CA LEU A 98 5.77 -29.91 -27.91
C LEU A 98 4.40 -29.45 -27.31
N PHE A 99 4.41 -29.18 -26.06
CA PHE A 99 3.24 -28.65 -25.36
C PHE A 99 3.80 -27.90 -24.16
N ASN A 100 3.01 -27.09 -23.47
CA ASN A 100 3.57 -26.33 -22.32
C ASN A 100 2.62 -25.96 -21.28
N ASP A 101 2.84 -25.98 -20.03
CA ASP A 101 1.78 -25.51 -19.02
C ASP A 101 2.22 -24.15 -18.47
N TRP A 102 1.44 -23.54 -17.66
CA TRP A 102 1.57 -22.22 -17.05
C TRP A 102 0.75 -22.25 -15.79
N LYS A 103 1.31 -22.02 -14.64
CA LYS A 103 0.38 -22.01 -13.41
C LYS A 103 0.03 -20.54 -13.27
N ILE A 104 -1.25 -20.23 -13.40
CA ILE A 104 -1.70 -18.84 -13.51
C ILE A 104 -1.25 -18.00 -12.38
N ASN A 105 -0.81 -16.86 -12.54
CA ASN A 105 -0.22 -15.84 -11.79
C ASN A 105 -0.53 -14.42 -12.18
N LEU A 106 -0.38 -13.43 -11.41
CA LEU A 106 -0.58 -12.02 -11.98
C LEU A 106 0.66 -11.25 -11.51
N SER A 107 1.70 -12.02 -11.10
CA SER A 107 2.85 -11.30 -10.51
C SER A 107 4.14 -11.58 -11.20
N SER A 108 4.18 -12.18 -12.34
CA SER A 108 5.32 -12.39 -13.18
C SER A 108 5.69 -11.26 -14.10
N LEU A 109 4.78 -10.62 -14.79
CA LEU A 109 5.13 -9.37 -15.58
C LEU A 109 4.76 -8.20 -14.64
N VAL A 110 5.65 -7.27 -14.35
CA VAL A 110 5.45 -6.29 -13.33
C VAL A 110 4.44 -5.24 -13.59
N GLN A 111 4.07 -4.85 -14.76
CA GLN A 111 3.10 -3.71 -14.92
C GLN A 111 1.84 -3.95 -14.12
N LEU A 112 0.99 -4.93 -14.46
CA LEU A 112 -0.19 -5.24 -13.67
C LEU A 112 0.16 -5.52 -12.22
N ARG A 113 1.25 -6.17 -11.91
CA ARG A 113 1.57 -6.52 -10.50
C ARG A 113 1.63 -5.32 -9.62
N LYS A 114 2.31 -4.27 -9.99
CA LYS A 114 2.42 -3.08 -9.12
C LYS A 114 1.03 -2.54 -8.85
N LYS A 115 0.16 -2.50 -9.85
CA LYS A 115 -1.23 -2.03 -9.76
C LYS A 115 -1.98 -2.85 -8.73
N LEU A 116 -1.95 -4.19 -8.79
CA LEU A 116 -2.68 -4.97 -7.83
C LEU A 116 -2.14 -4.81 -6.41
N GLU A 117 -0.84 -4.60 -6.31
CA GLU A 117 -0.26 -4.67 -4.91
C GLU A 117 -0.38 -3.36 -4.21
N LEU A 118 -1.24 -2.52 -4.72
CA LEU A 118 -1.60 -1.22 -4.08
C LEU A 118 -2.65 -1.53 -2.97
N PHE A 119 -3.22 -2.72 -2.97
CA PHE A 119 -4.20 -3.31 -2.13
C PHE A 119 -3.68 -4.60 -1.47
N THR A 120 -4.21 -4.99 -0.32
CA THR A 120 -3.81 -6.20 0.35
C THR A 120 -4.60 -7.41 -0.06
N TYR A 121 -5.91 -7.33 -0.15
CA TYR A 121 -6.83 -8.42 -0.56
C TYR A 121 -7.61 -7.90 -1.79
N VAL A 122 -7.88 -8.75 -2.69
CA VAL A 122 -8.54 -8.23 -3.99
C VAL A 122 -9.47 -9.32 -4.36
N ARG A 123 -10.62 -9.06 -4.90
CA ARG A 123 -11.58 -10.12 -5.30
C ARG A 123 -12.14 -9.71 -6.66
N PHE A 124 -12.15 -10.58 -7.66
CA PHE A 124 -12.65 -10.21 -8.99
C PHE A 124 -12.87 -11.43 -9.84
N ASP A 125 -13.65 -11.35 -10.91
CA ASP A 125 -13.77 -12.41 -11.93
C ASP A 125 -12.68 -12.11 -12.97
N SER A 126 -12.21 -13.03 -13.71
CA SER A 126 -11.16 -12.77 -14.69
C SER A 126 -11.71 -12.96 -16.06
N GLU A 127 -11.31 -12.10 -16.94
CA GLU A 127 -11.64 -12.40 -18.35
C GLU A 127 -10.31 -12.65 -19.03
N TYR A 128 -10.00 -13.78 -19.60
CA TYR A 128 -8.74 -14.04 -20.29
C TYR A 128 -8.82 -13.82 -21.78
N THR A 129 -7.88 -13.19 -22.42
CA THR A 129 -7.85 -13.20 -23.94
C THR A 129 -6.56 -13.90 -24.27
N ILE A 130 -6.50 -14.79 -25.19
CA ILE A 130 -5.23 -15.49 -25.52
C ILE A 130 -4.91 -15.23 -26.96
N LEU A 131 -3.88 -14.53 -27.28
CA LEU A 131 -3.50 -14.29 -28.71
C LEU A 131 -2.39 -15.29 -29.03
N ALA A 132 -2.36 -15.94 -30.13
CA ALA A 132 -1.36 -16.92 -30.57
C ALA A 132 -0.83 -16.54 -31.92
N THR A 133 0.39 -16.30 -32.15
CA THR A 133 0.83 -15.93 -33.58
C THR A 133 1.86 -16.91 -33.98
N ALA A 134 2.06 -17.17 -35.28
CA ALA A 134 3.08 -18.21 -35.62
C ALA A 134 4.24 -17.53 -36.29
N SER A 135 5.37 -18.13 -36.17
CA SER A 135 6.66 -17.76 -36.72
C SER A 135 7.25 -19.00 -37.43
N GLN A 136 7.92 -18.71 -38.50
CA GLN A 136 8.59 -19.84 -39.26
C GLN A 136 9.99 -19.38 -39.58
N PRO A 137 10.83 -19.35 -38.55
CA PRO A 137 12.18 -18.84 -38.72
C PRO A 137 12.96 -19.60 -39.73
N ASP A 138 12.66 -20.80 -40.16
CA ASP A 138 13.63 -21.30 -41.19
C ASP A 138 12.91 -21.95 -42.34
N SER A 139 13.14 -21.42 -43.50
CA SER A 139 12.66 -21.99 -44.73
C SER A 139 11.45 -22.87 -44.69
N ALA A 140 10.31 -22.32 -45.10
CA ALA A 140 9.08 -23.18 -45.18
C ALA A 140 8.41 -22.84 -46.51
N ASN A 141 7.69 -23.76 -47.08
CA ASN A 141 7.04 -23.45 -48.36
C ASN A 141 5.84 -22.53 -48.16
N TYR A 142 5.33 -22.71 -46.95
CA TYR A 142 4.13 -22.04 -46.53
C TYR A 142 3.98 -21.97 -45.04
N SER A 143 2.88 -21.27 -44.72
CA SER A 143 2.42 -21.04 -43.33
C SER A 143 1.34 -22.01 -42.98
N SER A 144 1.51 -22.89 -42.04
CA SER A 144 0.34 -23.95 -41.99
C SER A 144 -0.79 -23.44 -41.20
N ASN A 145 -1.98 -24.04 -41.14
CA ASN A 145 -2.94 -23.47 -40.17
C ASN A 145 -3.25 -24.49 -39.09
N LEU A 146 -2.68 -24.07 -37.96
CA LEU A 146 -2.65 -24.72 -36.69
C LEU A 146 -3.82 -24.28 -35.80
N VAL A 147 -4.32 -25.21 -35.05
CA VAL A 147 -5.34 -24.99 -34.05
C VAL A 147 -4.68 -25.18 -32.70
N VAL A 148 -4.69 -24.26 -31.76
CA VAL A 148 -4.14 -24.43 -30.42
C VAL A 148 -5.16 -25.05 -29.50
N GLN A 149 -4.87 -25.74 -28.51
CA GLN A 149 -5.89 -26.24 -27.51
C GLN A 149 -5.43 -25.66 -26.20
N ALA A 150 -6.19 -24.97 -25.43
CA ALA A 150 -5.68 -24.44 -24.10
C ALA A 150 -6.51 -25.20 -23.09
N MET A 151 -5.96 -25.98 -22.24
CA MET A 151 -6.76 -26.74 -21.25
C MET A 151 -6.64 -26.11 -19.89
N TYR A 152 -7.66 -25.96 -19.13
CA TYR A 152 -7.56 -25.34 -17.75
C TYR A 152 -7.32 -26.52 -16.84
N VAL A 153 -6.24 -26.67 -16.21
CA VAL A 153 -5.95 -27.89 -15.38
C VAL A 153 -5.97 -27.53 -13.94
N PRO A 154 -7.03 -27.76 -13.24
CA PRO A 154 -7.13 -27.40 -11.78
C PRO A 154 -6.23 -28.31 -11.01
N PRO A 155 -5.69 -27.97 -9.87
CA PRO A 155 -4.86 -28.85 -9.06
C PRO A 155 -5.47 -30.20 -8.71
N GLY A 156 -4.93 -31.30 -9.07
CA GLY A 156 -5.38 -32.64 -8.77
C GLY A 156 -5.74 -33.40 -10.03
N ALA A 157 -5.85 -32.66 -11.13
CA ALA A 157 -6.11 -33.31 -12.42
C ALA A 157 -4.81 -33.93 -12.91
N PRO A 158 -4.90 -35.02 -13.63
CA PRO A 158 -3.76 -35.55 -14.37
C PRO A 158 -3.18 -34.41 -15.25
N ASN A 159 -1.94 -34.25 -15.32
CA ASN A 159 -1.18 -33.36 -16.13
C ASN A 159 -0.67 -34.06 -17.38
N PRO A 160 -0.76 -33.39 -18.50
CA PRO A 160 -0.29 -33.95 -19.80
C PRO A 160 1.14 -34.42 -19.71
N LYS A 161 1.45 -35.51 -20.34
CA LYS A 161 2.83 -35.98 -20.36
C LYS A 161 3.30 -35.91 -21.76
N GLU A 162 2.59 -36.34 -22.70
CA GLU A 162 2.97 -36.16 -24.11
C GLU A 162 2.05 -35.17 -24.72
N TRP A 163 2.31 -34.75 -25.95
CA TRP A 163 1.43 -33.74 -26.56
C TRP A 163 0.18 -34.38 -27.01
N ASP A 164 0.08 -35.71 -26.88
CA ASP A 164 -1.24 -36.30 -27.24
C ASP A 164 -1.80 -37.37 -26.33
N ASP A 165 -1.54 -37.37 -25.04
CA ASP A 165 -1.99 -38.08 -23.90
C ASP A 165 -3.53 -38.19 -23.83
N TYR A 166 -3.93 -39.05 -22.91
CA TYR A 166 -5.44 -39.20 -22.71
C TYR A 166 -5.89 -37.90 -22.07
N THR A 167 -4.99 -37.25 -21.33
CA THR A 167 -5.30 -35.98 -20.66
C THR A 167 -6.01 -34.96 -21.53
N TRP A 168 -5.56 -34.91 -22.79
CA TRP A 168 -6.10 -33.89 -23.70
C TRP A 168 -7.53 -34.16 -24.05
N GLN A 169 -8.05 -35.29 -23.67
CA GLN A 169 -9.47 -35.63 -23.93
C GLN A 169 -10.33 -34.59 -23.21
N SER A 170 -9.78 -34.25 -22.07
CA SER A 170 -10.33 -33.17 -21.22
C SER A 170 -11.82 -33.30 -21.11
N ALA A 171 -12.28 -34.42 -20.61
CA ALA A 171 -13.71 -34.71 -20.54
C ALA A 171 -14.38 -33.98 -19.42
N SER A 172 -13.61 -33.63 -18.42
CA SER A 172 -14.22 -32.90 -17.30
C SER A 172 -13.58 -31.57 -17.12
N ASN A 173 -12.64 -31.15 -17.81
CA ASN A 173 -11.77 -29.94 -17.61
C ASN A 173 -12.01 -28.99 -18.69
N PRO A 174 -12.33 -27.74 -18.44
CA PRO A 174 -12.72 -26.82 -19.55
C PRO A 174 -11.60 -26.64 -20.50
N SER A 175 -11.84 -26.84 -21.79
CA SER A 175 -10.67 -26.47 -22.74
C SER A 175 -11.22 -25.70 -23.91
N VAL A 176 -10.49 -24.78 -24.55
CA VAL A 176 -10.89 -23.99 -25.65
C VAL A 176 -9.96 -24.36 -26.89
N PHE A 177 -10.46 -24.52 -28.05
CA PHE A 177 -9.65 -24.77 -29.27
C PHE A 177 -9.77 -23.52 -30.15
N PHE A 178 -8.79 -22.82 -30.51
CA PHE A 178 -8.89 -21.65 -31.44
C PHE A 178 -7.79 -21.73 -32.45
N LYS A 179 -7.74 -20.91 -33.45
CA LYS A 179 -6.71 -20.97 -34.50
C LYS A 179 -5.58 -20.01 -34.19
N VAL A 180 -4.38 -20.45 -34.52
CA VAL A 180 -3.20 -19.52 -34.39
C VAL A 180 -3.50 -18.25 -35.14
N GLY A 181 -3.24 -17.06 -34.66
CA GLY A 181 -3.51 -15.82 -35.46
C GLY A 181 -4.80 -15.21 -34.96
N ASP A 182 -5.66 -16.09 -34.47
CA ASP A 182 -6.87 -15.64 -33.81
C ASP A 182 -6.55 -15.58 -32.31
N THR A 183 -7.57 -15.26 -31.61
CA THR A 183 -7.72 -14.99 -30.21
C THR A 183 -8.78 -15.79 -29.58
N SER A 184 -8.59 -16.14 -28.37
CA SER A 184 -9.68 -16.99 -27.68
C SER A 184 -10.08 -16.15 -26.50
N ARG A 185 -11.27 -16.21 -26.02
CA ARG A 185 -11.69 -15.36 -24.91
C ARG A 185 -12.73 -16.03 -24.11
N PHE A 186 -12.61 -16.08 -22.87
CA PHE A 186 -13.62 -16.78 -22.01
C PHE A 186 -13.44 -16.10 -20.67
N SER A 187 -14.23 -16.45 -19.71
CA SER A 187 -14.07 -15.58 -18.38
C SER A 187 -14.21 -16.58 -17.31
N VAL A 188 -13.49 -16.50 -16.24
CA VAL A 188 -13.55 -17.55 -15.16
C VAL A 188 -14.03 -16.83 -13.92
N PRO A 189 -14.94 -17.35 -13.13
CA PRO A 189 -15.42 -16.74 -11.91
C PRO A 189 -14.29 -16.61 -10.92
N TYR A 190 -14.44 -15.90 -9.85
CA TYR A 190 -13.38 -15.81 -8.80
C TYR A 190 -13.20 -17.19 -8.16
N VAL A 191 -12.09 -17.90 -8.50
CA VAL A 191 -11.80 -19.19 -7.98
C VAL A 191 -11.02 -19.26 -6.69
N GLY A 192 -10.86 -18.20 -5.98
CA GLY A 192 -10.11 -18.25 -4.67
C GLY A 192 -10.75 -19.16 -3.66
N LEU A 193 -9.99 -19.75 -2.75
CA LEU A 193 -10.53 -20.56 -1.70
C LEU A 193 -11.10 -19.64 -0.61
N ALA A 194 -10.54 -18.51 -0.32
CA ALA A 194 -11.05 -17.63 0.80
C ALA A 194 -12.02 -16.61 0.26
N SER A 195 -12.17 -15.52 0.95
CA SER A 195 -13.21 -14.53 0.53
C SER A 195 -12.59 -13.57 -0.45
N ALA A 196 -11.28 -13.47 -0.45
CA ALA A 196 -10.52 -12.56 -1.35
C ALA A 196 -9.20 -13.26 -1.69
N TYR A 197 -8.48 -12.82 -2.67
CA TYR A 197 -7.13 -13.38 -2.97
C TYR A 197 -6.15 -12.63 -2.08
N ASN A 198 -5.16 -13.22 -1.47
CA ASN A 198 -4.24 -12.37 -0.64
C ASN A 198 -3.18 -11.79 -1.62
N CYS A 199 -3.04 -10.51 -1.71
CA CYS A 199 -1.93 -9.92 -2.42
C CYS A 199 -0.65 -10.11 -1.56
N PHE A 200 -0.79 -10.31 -0.31
CA PHE A 200 0.33 -10.48 0.59
C PHE A 200 -0.11 -11.49 1.65
N TYR A 201 0.86 -12.15 2.23
CA TYR A 201 0.48 -13.16 3.27
C TYR A 201 1.64 -13.30 4.22
N ASP A 202 1.55 -12.83 5.46
CA ASP A 202 2.81 -12.96 6.29
C ASP A 202 2.59 -14.23 7.05
N GLY A 203 2.69 -15.35 6.30
CA GLY A 203 2.48 -16.67 7.03
C GLY A 203 3.20 -17.79 6.28
N TYR A 204 2.98 -18.99 6.72
CA TYR A 204 3.47 -20.26 6.24
C TYR A 204 2.32 -21.22 6.01
N SER A 205 2.54 -22.38 5.42
CA SER A 205 1.45 -23.29 5.15
C SER A 205 1.26 -24.15 6.40
N HIS A 206 2.31 -24.14 7.18
CA HIS A 206 2.19 -24.85 8.49
C HIS A 206 3.39 -24.45 9.31
N ASP A 207 3.41 -24.83 10.56
CA ASP A 207 4.53 -24.38 11.40
C ASP A 207 5.69 -25.33 11.15
N ASP A 208 6.28 -25.29 10.04
CA ASP A 208 7.45 -26.13 9.68
C ASP A 208 8.67 -25.24 9.83
N ALA A 209 9.83 -25.78 10.07
CA ALA A 209 10.97 -24.89 10.27
C ALA A 209 11.55 -24.47 8.94
N GLU A 210 11.25 -25.15 7.93
CA GLU A 210 11.94 -24.84 6.64
C GLU A 210 10.88 -24.61 5.61
N THR A 211 9.59 -24.49 5.96
CA THR A 211 8.61 -24.36 4.80
C THR A 211 8.74 -23.01 4.17
N GLN A 212 8.29 -22.81 2.94
CA GLN A 212 8.48 -21.52 2.19
C GLN A 212 7.76 -20.37 2.79
N TYR A 213 8.14 -19.15 2.75
CA TYR A 213 7.34 -18.10 3.49
C TYR A 213 6.64 -17.30 2.41
N GLY A 214 5.55 -16.71 2.66
CA GLY A 214 4.89 -15.83 1.71
C GLY A 214 4.17 -16.41 0.60
N ILE A 215 4.68 -17.32 -0.11
CA ILE A 215 3.94 -17.87 -1.33
C ILE A 215 2.76 -18.61 -0.88
N THR A 216 1.53 -18.39 -1.29
CA THR A 216 0.42 -19.21 -0.69
C THR A 216 -0.61 -19.70 -1.63
N VAL A 217 -1.33 -20.75 -1.23
CA VAL A 217 -2.42 -21.20 -2.13
C VAL A 217 -3.50 -20.12 -2.08
N LEU A 218 -3.44 -19.25 -1.11
CA LEU A 218 -4.53 -18.21 -1.00
C LEU A 218 -4.71 -17.39 -2.28
N ASN A 219 -3.86 -17.38 -3.21
CA ASN A 219 -3.63 -16.73 -4.39
C ASN A 219 -3.84 -17.51 -5.67
N HIS A 220 -3.81 -18.83 -5.45
CA HIS A 220 -3.90 -19.82 -6.52
C HIS A 220 -5.09 -19.64 -7.44
N MET A 221 -4.84 -19.61 -8.75
CA MET A 221 -5.94 -19.33 -9.70
C MET A 221 -6.15 -20.39 -10.75
N GLY A 222 -5.53 -21.54 -10.48
CA GLY A 222 -5.57 -22.61 -11.48
C GLY A 222 -4.21 -22.58 -12.22
N SER A 223 -4.28 -23.21 -13.36
CA SER A 223 -3.13 -23.48 -14.22
C SER A 223 -3.55 -23.84 -15.61
N MET A 224 -2.72 -23.67 -16.60
CA MET A 224 -3.27 -23.84 -18.03
C MET A 224 -2.19 -24.54 -18.84
N ALA A 225 -2.49 -25.48 -19.72
CA ALA A 225 -1.63 -26.27 -20.58
C ALA A 225 -1.99 -25.99 -22.04
N PHE A 226 -1.07 -25.69 -22.90
CA PHE A 226 -1.25 -25.37 -24.32
C PHE A 226 -0.61 -26.42 -25.23
N ARG A 227 -1.15 -26.69 -26.35
CA ARG A 227 -0.51 -27.59 -27.33
C ARG A 227 -1.10 -27.26 -28.69
N ILE A 228 -0.49 -27.71 -29.74
CA ILE A 228 -1.07 -27.59 -31.13
C ILE A 228 -1.78 -28.87 -31.42
N VAL A 229 -2.93 -28.78 -32.10
CA VAL A 229 -3.66 -30.10 -32.25
C VAL A 229 -3.08 -30.73 -33.48
N ASN A 230 -2.59 -29.91 -34.44
CA ASN A 230 -2.12 -30.42 -35.72
C ASN A 230 -0.92 -31.37 -35.57
N GLU A 231 -0.90 -32.37 -36.48
CA GLU A 231 0.30 -33.20 -36.59
C GLU A 231 1.30 -32.28 -37.35
N HIS A 232 2.50 -32.84 -37.55
CA HIS A 232 3.56 -32.06 -38.17
C HIS A 232 3.51 -32.11 -39.70
N ASP A 233 3.91 -30.90 -40.20
CA ASP A 233 4.16 -30.70 -41.61
C ASP A 233 5.70 -30.92 -41.77
N GLU A 234 6.10 -30.65 -43.02
CA GLU A 234 7.55 -30.83 -43.29
C GLU A 234 8.31 -29.77 -42.58
N HIS A 235 7.92 -28.51 -42.46
CA HIS A 235 8.81 -27.56 -41.71
C HIS A 235 8.38 -27.50 -40.26
N LYS A 236 9.03 -26.65 -39.54
CA LYS A 236 8.73 -26.52 -38.07
C LYS A 236 8.01 -25.22 -37.89
N THR A 237 7.16 -25.05 -36.93
CA THR A 237 6.41 -23.79 -36.79
C THR A 237 6.47 -23.41 -35.29
N LEU A 238 6.88 -22.20 -35.05
CA LEU A 238 6.93 -21.70 -33.65
C LEU A 238 5.63 -20.95 -33.41
N VAL A 239 4.97 -21.31 -32.33
CA VAL A 239 3.70 -20.59 -31.98
C VAL A 239 3.98 -19.97 -30.62
N LYS A 240 3.72 -18.70 -30.49
CA LYS A 240 4.06 -17.99 -29.21
C LYS A 240 2.70 -17.54 -28.66
N ILE A 241 2.43 -17.94 -27.43
CA ILE A 241 1.16 -17.62 -26.75
C ILE A 241 1.31 -16.47 -25.78
N ARG A 242 0.38 -15.50 -25.94
CA ARG A 242 0.29 -14.34 -25.01
C ARG A 242 -1.08 -14.37 -24.28
N VAL A 243 -1.06 -14.47 -22.97
CA VAL A 243 -2.28 -14.49 -22.16
C VAL A 243 -2.54 -13.10 -21.62
N TYR A 244 -3.67 -12.50 -21.85
CA TYR A 244 -4.06 -11.18 -21.29
C TYR A 244 -5.09 -11.38 -20.19
N HIS A 245 -5.07 -10.62 -19.13
CA HIS A 245 -6.05 -10.79 -18.05
C HIS A 245 -6.72 -9.47 -17.72
N ARG A 246 -8.02 -9.42 -17.60
CA ARG A 246 -8.82 -8.24 -17.27
C ARG A 246 -9.67 -8.57 -16.04
N ALA A 247 -9.56 -7.84 -15.01
CA ALA A 247 -10.39 -8.03 -13.82
C ALA A 247 -11.76 -7.40 -14.08
N LYS A 248 -12.83 -8.13 -13.74
CA LYS A 248 -14.21 -7.54 -13.85
C LYS A 248 -14.87 -7.89 -12.52
N HIS A 249 -15.66 -6.93 -12.03
CA HIS A 249 -16.36 -7.04 -10.73
C HIS A 249 -15.39 -6.94 -9.60
N VAL A 250 -14.56 -5.92 -9.58
CA VAL A 250 -13.45 -5.78 -8.64
C VAL A 250 -13.79 -5.36 -7.24
N GLU A 251 -13.15 -5.90 -6.28
CA GLU A 251 -13.41 -5.41 -4.85
C GLU A 251 -12.05 -5.39 -4.18
N ALA A 252 -11.60 -4.32 -3.59
CA ALA A 252 -10.22 -4.26 -3.06
C ALA A 252 -10.18 -3.80 -1.67
N TRP A 253 -9.45 -4.31 -0.73
CA TRP A 253 -9.43 -3.82 0.65
C TRP A 253 -8.01 -3.47 1.08
N ILE A 254 -7.88 -2.55 1.98
CA ILE A 254 -6.69 -2.10 2.66
C ILE A 254 -5.57 -1.62 1.79
N PRO A 255 -5.53 -0.33 1.45
CA PRO A 255 -4.47 0.24 0.56
C PRO A 255 -3.12 0.13 1.19
N ARG A 256 -2.05 0.00 0.45
CA ARG A 256 -0.68 -0.09 1.03
C ARG A 256 0.24 0.85 0.28
N ALA A 257 1.42 1.06 0.72
CA ALA A 257 2.46 1.90 0.08
C ALA A 257 2.83 1.32 -1.26
N PRO A 258 3.02 2.09 -2.34
CA PRO A 258 3.31 1.53 -3.67
C PRO A 258 4.64 0.85 -3.69
N ARG A 259 4.93 -0.07 -4.59
CA ARG A 259 6.20 -0.70 -4.73
C ARG A 259 7.31 0.25 -5.16
N ALA A 260 8.39 0.34 -4.46
CA ALA A 260 9.45 1.28 -4.81
C ALA A 260 10.58 0.53 -5.49
N LEU A 261 11.11 -0.56 -4.94
CA LEU A 261 12.26 -1.27 -5.56
C LEU A 261 11.73 -2.27 -6.58
N PRO A 262 12.63 -2.78 -7.39
CA PRO A 262 12.33 -3.74 -8.45
C PRO A 262 11.97 -5.05 -7.79
N TYR A 263 11.32 -5.90 -8.54
CA TYR A 263 10.87 -7.23 -8.11
C TYR A 263 11.93 -8.28 -8.53
N THR A 264 11.99 -9.37 -7.80
CA THR A 264 12.97 -10.41 -8.10
C THR A 264 12.27 -11.70 -8.26
N SER A 265 11.17 -11.93 -7.60
CA SER A 265 10.50 -13.27 -7.59
C SER A 265 9.02 -13.27 -7.62
N ILE A 266 8.32 -14.24 -8.20
CA ILE A 266 6.86 -14.35 -8.09
C ILE A 266 6.59 -14.69 -6.62
N GLY A 267 5.80 -13.84 -6.01
CA GLY A 267 5.29 -14.15 -4.68
C GLY A 267 6.13 -13.80 -3.53
N ARG A 268 7.30 -13.21 -3.74
CA ARG A 268 7.97 -12.74 -2.46
C ARG A 268 8.20 -11.27 -2.70
N THR A 269 8.34 -10.56 -1.63
CA THR A 269 8.50 -9.12 -1.58
C THR A 269 9.90 -8.63 -1.80
N ASN A 270 10.84 -9.61 -1.82
CA ASN A 270 12.23 -9.43 -1.98
C ASN A 270 12.60 -8.47 -3.19
N TYR A 271 13.54 -7.67 -2.87
CA TYR A 271 14.16 -6.72 -3.80
C TYR A 271 15.64 -7.12 -3.95
N PRO A 272 16.25 -6.71 -5.05
CA PRO A 272 17.62 -7.02 -5.36
C PRO A 272 18.65 -6.31 -4.54
N LYS A 273 19.82 -6.93 -4.23
CA LYS A 273 20.87 -6.26 -3.43
C LYS A 273 21.64 -5.22 -4.19
N ASN A 274 22.16 -4.26 -3.47
CA ASN A 274 22.87 -3.17 -4.29
C ASN A 274 21.84 -2.97 -5.50
N THR A 275 20.87 -2.23 -5.02
CA THR A 275 19.78 -1.75 -5.92
C THR A 275 20.12 -0.32 -6.15
N GLU A 276 19.45 0.59 -6.81
CA GLU A 276 19.98 2.02 -6.79
C GLU A 276 19.08 2.91 -6.00
N PRO A 277 19.59 4.02 -5.58
CA PRO A 277 18.70 4.97 -4.77
C PRO A 277 17.48 5.22 -5.67
N VAL A 278 16.33 5.13 -5.04
CA VAL A 278 15.05 5.29 -5.75
C VAL A 278 14.62 6.72 -5.60
N ILE A 279 15.10 7.51 -4.67
CA ILE A 279 14.68 8.93 -4.61
C ILE A 279 15.64 9.77 -5.42
N LYS A 280 15.33 10.50 -6.40
CA LYS A 280 16.19 11.36 -7.23
C LYS A 280 16.93 12.40 -6.41
N LYS A 281 18.21 12.43 -6.46
CA LYS A 281 19.00 13.43 -5.73
C LYS A 281 18.89 14.78 -6.41
N ARG A 282 18.76 15.82 -5.60
CA ARG A 282 18.71 17.16 -6.12
C ARG A 282 19.96 17.53 -6.88
N LYS A 283 19.69 18.35 -7.89
CA LYS A 283 21.03 18.90 -8.59
C LYS A 283 21.13 20.24 -7.93
N GLY A 284 21.64 20.38 -6.75
CA GLY A 284 21.65 21.69 -6.06
C GLY A 284 21.27 21.45 -4.61
N ASP A 285 21.08 22.42 -3.82
CA ASP A 285 20.59 22.53 -2.58
C ASP A 285 19.24 22.07 -2.19
N ILE A 286 19.05 22.12 -0.81
CA ILE A 286 17.61 21.89 -0.41
C ILE A 286 16.83 23.14 -0.99
N LYS A 287 17.58 24.26 -0.98
CA LYS A 287 17.01 25.52 -1.38
C LYS A 287 16.75 25.63 -2.86
N SER A 288 17.27 24.75 -3.67
CA SER A 288 17.10 24.83 -5.16
C SER A 288 15.76 24.79 -5.75
N TYR A 289 15.46 25.36 -6.89
CA TYR A 289 14.07 25.17 -7.44
C TYR A 289 14.02 24.03 -8.44
N GLY B 8 -13.60 19.75 30.81
CA GLY B 8 -12.08 19.74 31.15
C GLY B 8 -11.53 18.43 30.55
N TYR B 9 -12.40 17.82 29.73
CA TYR B 9 -11.85 16.54 29.07
C TYR B 9 -10.89 17.06 28.06
N SER B 10 -9.74 16.44 27.94
CA SER B 10 -8.79 16.90 26.87
C SER B 10 -8.63 15.68 25.99
N ASP B 11 -8.26 15.79 24.80
CA ASP B 11 -7.85 14.75 23.94
C ASP B 11 -6.63 13.98 24.47
N ARG B 12 -5.91 14.68 25.30
CA ARG B 12 -4.72 14.59 26.03
C ARG B 12 -4.66 13.61 27.18
N VAL B 13 -5.60 13.55 28.06
CA VAL B 13 -5.63 12.58 29.15
C VAL B 13 -6.56 11.43 28.84
N GLN B 14 -6.26 10.22 29.13
CA GLN B 14 -7.09 9.08 28.81
C GLN B 14 -6.87 7.96 29.77
N GLN B 15 -7.88 7.12 29.87
CA GLN B 15 -7.82 5.93 30.69
C GLN B 15 -8.37 4.77 29.89
N ILE B 16 -7.68 3.68 29.77
CA ILE B 16 -8.23 2.47 29.12
C ILE B 16 -8.28 1.36 30.12
N THR B 17 -9.36 0.81 30.52
CA THR B 17 -9.43 -0.27 31.49
C THR B 17 -9.87 -1.52 30.72
N LEU B 18 -9.13 -2.53 30.81
CA LEU B 18 -9.45 -3.75 29.99
C LEU B 18 -9.02 -4.90 30.88
N GLY B 19 -10.01 -5.60 31.32
CA GLY B 19 -9.86 -6.74 32.18
C GLY B 19 -9.55 -6.19 33.58
N ASN B 20 -8.44 -6.56 34.00
CA ASN B 20 -7.97 -6.34 35.43
C ASN B 20 -6.81 -5.41 35.38
N SER B 21 -6.66 -4.74 34.22
CA SER B 21 -5.57 -3.81 34.00
C SER B 21 -5.96 -2.46 33.42
N THR B 22 -5.42 -1.38 33.89
CA THR B 22 -5.71 -0.05 33.48
C THR B 22 -4.46 0.75 33.14
N ILE B 23 -4.54 1.57 32.14
CA ILE B 23 -3.53 2.48 31.64
C ILE B 23 -3.97 3.92 31.71
N THR B 24 -3.21 4.84 32.18
CA THR B 24 -3.61 6.24 32.19
C THR B 24 -2.51 6.98 31.40
N THR B 25 -2.85 7.86 30.54
CA THR B 25 -1.93 8.75 29.90
C THR B 25 -2.43 10.18 30.10
N GLN B 26 -1.49 11.02 30.44
CA GLN B 26 -1.81 12.45 30.66
C GLN B 26 -1.29 13.26 29.48
N GLU B 27 -0.80 12.64 28.44
CA GLU B 27 -0.28 13.33 27.28
C GLU B 27 -0.44 12.62 25.98
N ALA B 28 -1.62 12.23 25.65
CA ALA B 28 -2.05 11.49 24.51
C ALA B 28 -2.25 12.43 23.32
N ALA B 29 -2.45 11.96 22.12
CA ALA B 29 -2.78 12.69 20.93
C ALA B 29 -3.88 11.87 20.24
N ASN B 30 -5.02 11.93 20.92
CA ASN B 30 -6.25 11.17 20.39
C ASN B 30 -5.87 9.69 20.29
N ALA B 31 -6.47 8.85 19.53
CA ALA B 31 -6.17 7.43 19.39
C ALA B 31 -6.72 7.06 18.00
N VAL B 32 -6.13 6.09 17.40
CA VAL B 32 -6.54 5.72 16.05
C VAL B 32 -7.28 4.39 16.19
N VAL B 33 -8.32 4.29 15.38
CA VAL B 33 -9.05 3.00 15.32
C VAL B 33 -8.95 2.55 13.86
N CYS B 34 -8.11 1.57 13.59
CA CYS B 34 -7.86 1.16 12.23
C CYS B 34 -9.07 1.12 11.34
N TYR B 35 -9.02 1.86 10.22
CA TYR B 35 -10.06 1.76 9.18
C TYR B 35 -11.38 2.11 9.80
N ALA B 36 -11.27 2.87 10.89
CA ALA B 36 -12.49 3.34 11.58
C ALA B 36 -13.36 2.20 12.02
N GLU B 37 -12.93 1.05 12.34
CA GLU B 37 -13.69 -0.05 12.86
C GLU B 37 -13.16 -0.59 14.15
N TRP B 38 -13.99 -0.85 15.05
CA TRP B 38 -13.64 -1.32 16.45
C TRP B 38 -13.71 -2.76 16.55
N PRO B 39 -12.90 -3.46 17.28
CA PRO B 39 -12.87 -4.98 17.24
C PRO B 39 -14.24 -5.52 17.54
N GLU B 40 -14.81 -6.51 16.96
CA GLU B 40 -16.07 -7.17 17.30
C GLU B 40 -15.98 -8.69 17.11
N TYR B 41 -16.82 -9.49 17.75
CA TYR B 41 -16.73 -10.97 17.55
C TYR B 41 -17.23 -11.35 16.16
N LEU B 42 -17.02 -12.67 15.94
CA LEU B 42 -17.32 -13.20 14.60
C LEU B 42 -18.78 -13.54 14.48
N PRO B 43 -19.48 -12.85 13.63
CA PRO B 43 -20.89 -13.09 13.38
C PRO B 43 -21.17 -14.41 12.71
N ASP B 44 -22.35 -15.00 12.91
CA ASP B 44 -22.68 -16.30 12.33
C ASP B 44 -22.73 -16.25 10.80
N VAL B 45 -23.18 -15.13 10.33
CA VAL B 45 -23.40 -15.01 8.85
C VAL B 45 -22.01 -15.16 8.19
N ASP B 46 -20.96 -14.82 8.92
CA ASP B 46 -19.60 -14.92 8.41
C ASP B 46 -18.84 -16.20 8.79
N ALA B 47 -19.38 -16.99 9.66
CA ALA B 47 -18.84 -18.21 10.18
C ALA B 47 -18.80 -19.34 9.18
N SER B 48 -17.85 -20.24 9.33
CA SER B 48 -17.70 -21.41 8.53
C SER B 48 -17.48 -22.66 9.41
N ASP B 49 -16.45 -22.66 10.19
CA ASP B 49 -16.20 -23.79 11.15
C ASP B 49 -17.44 -23.98 12.02
N VAL B 50 -17.93 -25.21 12.25
CA VAL B 50 -19.18 -25.36 12.97
C VAL B 50 -18.97 -25.38 14.47
N ASN B 51 -17.75 -25.27 14.89
CA ASN B 51 -17.46 -25.41 16.35
C ASN B 51 -17.89 -24.22 17.15
N LYS B 52 -18.45 -24.41 18.28
CA LYS B 52 -18.82 -23.23 19.20
C LYS B 52 -17.53 -22.60 19.58
N THR B 53 -17.24 -21.34 19.66
CA THR B 53 -15.87 -20.86 20.03
C THR B 53 -15.72 -20.59 21.49
N SER B 54 -14.53 -20.33 22.02
CA SER B 54 -14.35 -20.15 23.51
C SER B 54 -13.98 -18.70 23.71
N LYS B 55 -14.59 -18.05 24.66
CA LYS B 55 -14.25 -16.56 24.73
C LYS B 55 -13.82 -16.30 26.15
N PRO B 56 -12.56 -16.48 26.44
CA PRO B 56 -12.03 -16.40 27.79
C PRO B 56 -12.28 -15.04 28.37
N ASP B 57 -12.65 -14.05 27.54
CA ASP B 57 -12.95 -12.76 28.10
C ASP B 57 -11.79 -12.16 28.90
N THR B 58 -12.09 -11.77 30.14
CA THR B 58 -11.18 -10.99 30.95
C THR B 58 -9.87 -11.65 31.25
N SER B 59 -9.70 -12.90 31.07
CA SER B 59 -8.42 -13.57 31.40
C SER B 59 -7.49 -13.43 30.24
N VAL B 60 -7.90 -13.19 29.03
CA VAL B 60 -7.09 -12.97 27.89
C VAL B 60 -7.21 -11.53 27.45
N CYS B 61 -8.28 -10.83 27.78
CA CYS B 61 -8.38 -9.43 27.22
C CYS B 61 -7.93 -8.43 28.19
N ARG B 62 -6.70 -8.44 28.58
CA ARG B 62 -6.10 -7.51 29.56
C ARG B 62 -4.84 -7.00 28.92
N PHE B 63 -4.07 -6.16 29.61
CA PHE B 63 -2.88 -5.51 28.97
C PHE B 63 -1.61 -6.22 29.30
N TYR B 64 -0.89 -6.75 28.34
CA TYR B 64 0.47 -7.32 28.58
C TYR B 64 1.54 -6.30 28.19
N THR B 65 2.45 -5.96 29.10
CA THR B 65 3.55 -5.02 28.74
C THR B 65 4.77 -5.79 28.32
N LEU B 66 5.13 -5.86 27.08
CA LEU B 66 6.38 -6.41 26.58
C LEU B 66 7.61 -5.71 27.21
N ASP B 67 8.70 -6.47 27.15
CA ASP B 67 9.97 -5.88 27.64
C ASP B 67 10.41 -4.63 26.97
N SER B 68 11.05 -3.73 27.70
CA SER B 68 11.33 -2.38 27.11
C SER B 68 12.38 -2.15 26.13
N LYS B 69 12.38 -1.32 25.18
CA LYS B 69 13.48 -1.05 24.21
C LYS B 69 14.19 0.26 24.64
N THR B 70 15.37 0.49 24.05
CA THR B 70 16.14 1.69 24.35
C THR B 70 16.48 2.50 23.10
N TRP B 71 15.88 3.65 23.06
CA TRP B 71 16.02 4.53 21.86
C TRP B 71 17.31 5.29 22.17
N THR B 72 18.13 5.18 21.21
CA THR B 72 19.41 5.91 21.24
C THR B 72 19.56 6.50 19.81
N THR B 73 20.55 7.36 19.85
CA THR B 73 20.77 8.15 18.64
C THR B 73 21.08 7.29 17.49
N GLY B 74 21.49 6.06 17.74
CA GLY B 74 21.72 5.22 16.57
C GLY B 74 20.61 4.31 16.18
N SER B 75 19.48 4.36 16.86
CA SER B 75 18.38 3.33 16.66
C SER B 75 17.84 3.34 15.28
N LYS B 76 17.50 2.24 14.67
CA LYS B 76 16.87 2.28 13.36
C LYS B 76 15.37 2.02 13.50
N GLY B 77 14.92 1.25 14.43
CA GLY B 77 13.41 1.06 14.58
C GLY B 77 13.18 -0.35 15.02
N TRP B 78 12.03 -0.78 15.49
CA TRP B 78 11.80 -2.18 15.94
C TRP B 78 10.51 -2.69 15.31
N CYS B 79 10.32 -3.95 15.22
CA CYS B 79 9.14 -4.50 14.60
C CYS B 79 8.67 -5.71 15.38
N TRP B 80 7.40 -5.76 15.76
CA TRP B 80 6.79 -6.89 16.46
C TRP B 80 5.66 -7.44 15.55
N LYS B 81 5.41 -8.70 15.65
CA LYS B 81 4.28 -9.30 14.86
C LYS B 81 3.21 -9.75 15.83
N LEU B 82 1.93 -9.72 15.46
CA LEU B 82 0.79 -10.17 16.29
C LEU B 82 0.07 -11.32 15.56
N PRO B 83 -0.37 -12.38 16.23
CA PRO B 83 -0.29 -12.54 17.66
C PRO B 83 1.01 -12.99 18.24
N ASP B 84 2.08 -13.12 17.51
CA ASP B 84 3.37 -13.64 17.99
C ASP B 84 3.87 -12.99 19.29
N ALA B 85 4.07 -11.69 19.28
CA ALA B 85 4.52 -10.97 20.42
C ALA B 85 3.82 -11.48 21.65
N LEU B 86 2.62 -11.93 21.59
CA LEU B 86 1.94 -12.35 22.84
C LEU B 86 1.98 -13.85 23.04
N LYS B 87 2.62 -14.66 22.29
CA LYS B 87 2.64 -16.13 22.28
C LYS B 87 2.94 -16.71 23.62
N ASP B 88 3.52 -15.98 24.51
CA ASP B 88 3.82 -16.38 25.86
C ASP B 88 3.18 -15.61 26.95
N MET B 89 2.20 -14.76 26.72
CA MET B 89 1.62 -13.98 27.79
C MET B 89 0.44 -14.72 28.38
N GLY B 90 0.62 -15.11 29.59
CA GLY B 90 -0.45 -15.64 30.48
C GLY B 90 -1.32 -16.65 29.76
N VAL B 91 -2.62 -16.58 30.04
CA VAL B 91 -3.55 -17.54 29.42
C VAL B 91 -3.81 -17.22 27.96
N PHE B 92 -3.43 -16.04 27.46
CA PHE B 92 -3.66 -15.71 26.05
C PHE B 92 -2.85 -16.74 25.26
N GLY B 93 -1.58 -16.76 25.59
CA GLY B 93 -0.67 -17.70 24.99
C GLY B 93 -1.06 -19.12 25.10
N GLN B 94 -1.57 -19.59 26.19
CA GLN B 94 -1.87 -21.04 26.31
C GLN B 94 -2.95 -21.41 25.29
N ASN B 95 -3.98 -20.58 25.29
CA ASN B 95 -5.17 -20.74 24.44
C ASN B 95 -4.70 -20.85 23.00
N MET B 96 -3.74 -19.98 22.69
CA MET B 96 -3.13 -19.88 21.37
C MET B 96 -2.55 -21.18 20.92
N PHE B 97 -1.74 -21.86 21.75
CA PHE B 97 -1.09 -23.12 21.38
C PHE B 97 -2.01 -24.31 21.41
N PHE B 98 -3.05 -24.25 22.21
CA PHE B 98 -4.02 -25.26 22.43
C PHE B 98 -5.16 -25.21 21.44
N HIS B 99 -5.61 -24.16 20.80
CA HIS B 99 -6.70 -24.33 19.81
C HIS B 99 -6.14 -24.30 18.40
N SER B 100 -6.79 -24.97 17.53
CA SER B 100 -6.57 -25.02 16.11
C SER B 100 -6.75 -23.67 15.44
N LEU B 101 -7.64 -22.85 15.89
CA LEU B 101 -7.96 -21.55 15.25
C LEU B 101 -8.22 -20.50 16.28
N GLY B 102 -8.05 -19.26 16.02
CA GLY B 102 -8.35 -18.26 17.15
C GLY B 102 -8.53 -16.96 16.35
N ARG B 103 -8.96 -15.94 16.99
CA ARG B 103 -9.15 -14.63 16.25
C ARG B 103 -9.09 -13.54 17.28
N SER B 104 -8.56 -12.35 16.94
CA SER B 104 -8.48 -11.31 17.99
C SER B 104 -8.26 -9.92 17.47
N GLY B 105 -8.62 -8.90 18.16
CA GLY B 105 -8.33 -7.50 17.81
C GLY B 105 -7.39 -7.06 18.94
N TYR B 106 -6.82 -5.86 18.95
CA TYR B 106 -5.94 -5.47 20.05
C TYR B 106 -6.03 -3.99 20.32
N THR B 107 -5.67 -3.58 21.52
CA THR B 107 -5.40 -2.16 21.78
C THR B 107 -3.86 -2.08 21.96
N VAL B 108 -3.14 -1.32 21.21
CA VAL B 108 -1.67 -1.17 21.31
C VAL B 108 -1.39 0.18 21.95
N HIS B 109 -0.60 0.23 22.98
CA HIS B 109 -0.32 1.57 23.64
C HIS B 109 1.17 1.76 23.66
N VAL B 110 1.84 2.52 22.87
CA VAL B 110 3.33 2.69 22.90
C VAL B 110 3.68 3.92 23.72
N GLN B 111 4.59 3.79 24.64
CA GLN B 111 4.96 4.81 25.62
C GLN B 111 6.41 5.31 25.54
N CYS B 112 6.58 6.62 25.53
CA CYS B 112 7.94 7.17 25.55
C CYS B 112 7.94 8.57 26.10
N ASN B 113 8.33 8.80 27.32
CA ASN B 113 8.30 10.21 27.86
C ASN B 113 9.71 10.80 27.97
N ALA B 114 9.86 12.08 27.93
CA ALA B 114 11.17 12.76 27.91
C ALA B 114 11.04 14.05 28.68
N THR B 115 11.53 15.18 28.23
CA THR B 115 11.26 16.46 28.95
C THR B 115 11.08 17.53 27.88
N LYS B 116 10.78 18.78 28.29
CA LYS B 116 10.57 19.83 27.24
C LYS B 116 11.87 20.29 26.64
N PHE B 117 12.98 19.63 26.89
CA PHE B 117 14.26 20.05 26.25
C PHE B 117 14.64 18.99 25.22
N HIS B 118 14.04 17.79 25.32
CA HIS B 118 14.35 16.74 24.30
C HIS B 118 13.62 17.01 23.00
N SER B 119 14.01 16.40 21.91
CA SER B 119 13.40 16.43 20.59
C SER B 119 13.53 14.97 20.08
N GLY B 120 12.74 14.66 19.13
CA GLY B 120 12.79 13.23 18.58
C GLY B 120 11.31 12.97 18.19
N CYS B 121 11.08 12.10 17.27
CA CYS B 121 9.72 11.79 16.86
C CYS B 121 9.62 10.38 16.37
N LEU B 122 8.84 9.47 16.90
CA LEU B 122 8.76 8.07 16.47
C LEU B 122 7.52 7.90 15.59
N LEU B 123 7.48 7.06 14.62
CA LEU B 123 6.24 6.74 13.84
C LEU B 123 5.72 5.44 14.45
N VAL B 124 4.54 5.27 14.85
CA VAL B 124 3.99 4.02 15.38
C VAL B 124 2.99 3.53 14.35
N VAL B 125 3.17 2.47 13.63
CA VAL B 125 2.26 2.11 12.52
C VAL B 125 1.88 0.67 12.58
N VAL B 126 0.69 0.33 12.15
CA VAL B 126 0.24 -1.09 12.12
C VAL B 126 0.10 -1.51 10.69
N ILE B 127 0.78 -2.51 10.21
CA ILE B 127 0.67 -2.93 8.79
C ILE B 127 -0.03 -4.25 8.62
N PRO B 128 -1.24 -4.30 8.07
CA PRO B 128 -1.94 -5.58 7.91
C PRO B 128 -1.17 -6.35 6.85
N GLU B 129 -0.95 -7.63 7.08
CA GLU B 129 -0.22 -8.55 6.25
C GLU B 129 1.14 -8.13 5.82
N HIS B 130 2.02 -7.76 6.66
CA HIS B 130 3.38 -7.35 6.39
C HIS B 130 4.32 -8.46 5.97
N GLN B 131 4.28 -8.92 4.77
CA GLN B 131 5.14 -10.02 4.25
C GLN B 131 6.53 -9.45 4.10
N LEU B 132 7.52 -9.92 4.81
CA LEU B 132 8.90 -9.38 4.83
C LEU B 132 9.68 -9.84 3.61
N ALA B 133 10.78 -9.24 3.31
CA ALA B 133 11.65 -9.63 2.16
C ALA B 133 12.92 -10.27 2.68
N SER B 134 13.47 -11.20 1.92
CA SER B 134 14.77 -11.82 2.31
C SER B 134 15.85 -10.84 1.92
N HIS B 135 16.84 -10.58 2.69
CA HIS B 135 17.96 -9.69 2.23
C HIS B 135 18.76 -10.38 1.15
N GLU B 136 18.71 -11.68 0.98
CA GLU B 136 19.39 -12.34 -0.10
C GLU B 136 18.93 -11.97 -1.49
N GLY B 137 17.75 -11.48 -1.67
CA GLY B 137 17.20 -11.18 -3.03
C GLY B 137 16.62 -12.43 -3.65
N GLY B 138 16.53 -12.42 -4.95
CA GLY B 138 16.04 -13.61 -5.69
C GLY B 138 14.79 -14.16 -5.14
N ASN B 139 14.73 -15.39 -4.74
CA ASN B 139 13.46 -15.94 -4.15
C ASN B 139 13.84 -16.69 -2.90
N VAL B 140 14.84 -16.18 -2.22
CA VAL B 140 15.26 -16.78 -0.92
C VAL B 140 14.08 -16.58 0.03
N SER B 141 13.75 -17.56 0.84
CA SER B 141 12.57 -17.34 1.76
C SER B 141 13.05 -16.77 3.07
N VAL B 142 12.20 -16.40 3.98
CA VAL B 142 12.55 -15.90 5.30
C VAL B 142 12.07 -17.00 6.26
N LYS B 143 12.96 -17.70 6.89
CA LYS B 143 12.55 -18.80 7.75
C LYS B 143 11.69 -18.27 8.95
N TYR B 144 10.83 -19.19 9.34
CA TYR B 144 9.82 -19.17 10.37
C TYR B 144 10.31 -18.46 11.62
N THR B 145 11.27 -19.08 12.19
CA THR B 145 11.89 -18.44 13.38
C THR B 145 12.14 -16.99 13.15
N PHE B 146 12.67 -16.62 12.04
CA PHE B 146 12.93 -15.19 11.83
C PHE B 146 11.74 -14.30 11.83
N THR B 147 10.58 -14.75 11.51
CA THR B 147 9.39 -13.94 11.46
C THR B 147 8.56 -14.26 12.70
N HIS B 148 9.11 -14.88 13.67
CA HIS B 148 8.40 -15.17 14.91
C HIS B 148 9.28 -14.85 16.11
N PRO B 149 9.85 -13.65 16.15
CA PRO B 149 10.71 -13.22 17.20
C PRO B 149 10.09 -13.24 18.55
N GLY B 150 8.80 -13.34 18.69
CA GLY B 150 8.22 -13.37 20.08
C GLY B 150 8.32 -11.95 20.61
N GLU B 151 8.32 -11.87 21.92
CA GLU B 151 8.17 -10.56 22.63
C GLU B 151 9.34 -9.72 22.30
N ARG B 152 10.45 -10.29 21.94
CA ARG B 152 11.68 -9.56 21.60
C ARG B 152 11.51 -8.69 20.38
N GLY B 153 10.70 -9.15 19.44
CA GLY B 153 10.44 -8.41 18.18
C GLY B 153 11.72 -8.45 17.37
N ILE B 154 11.80 -7.79 16.30
CA ILE B 154 12.89 -7.70 15.38
C ILE B 154 13.56 -6.34 15.56
N ASP B 155 14.86 -6.23 15.60
CA ASP B 155 15.56 -4.97 15.81
C ASP B 155 16.24 -4.65 14.47
N LEU B 156 15.64 -3.67 13.87
CA LEU B 156 16.07 -3.19 12.57
C LEU B 156 17.47 -2.68 12.56
N SER B 157 18.16 -2.68 13.65
CA SER B 157 19.58 -2.16 13.56
C SER B 157 20.49 -3.33 13.91
N SER B 158 19.90 -4.50 14.03
CA SER B 158 20.66 -5.73 14.22
C SER B 158 21.23 -6.13 12.86
N ALA B 159 22.10 -7.09 12.82
CA ALA B 159 22.72 -7.48 11.52
C ALA B 159 21.93 -8.45 10.68
N ASN B 160 22.15 -8.40 9.35
CA ASN B 160 21.46 -9.45 8.53
C ASN B 160 21.81 -10.80 9.10
N GLU B 161 20.89 -11.71 9.13
CA GLU B 161 21.25 -13.12 9.57
C GLU B 161 20.77 -14.03 8.44
N VAL B 162 21.02 -15.31 8.59
CA VAL B 162 20.79 -16.15 7.32
C VAL B 162 19.44 -16.74 7.46
N GLY B 163 18.57 -16.41 6.53
CA GLY B 163 17.21 -17.02 6.62
C GLY B 163 16.28 -16.03 7.29
N GLY B 164 16.91 -14.94 7.68
CA GLY B 164 16.16 -13.83 8.29
C GLY B 164 15.75 -12.84 7.18
N PRO B 165 14.94 -11.85 7.57
CA PRO B 165 14.48 -10.79 6.68
C PRO B 165 15.53 -9.71 6.52
N VAL B 166 15.35 -8.82 5.59
CA VAL B 166 16.23 -7.64 5.38
C VAL B 166 15.86 -6.62 6.45
N LYS B 167 16.75 -5.74 6.91
CA LYS B 167 16.30 -4.83 8.02
C LYS B 167 16.51 -3.39 7.68
N ASP B 168 16.54 -3.08 6.44
CA ASP B 168 16.74 -1.75 5.86
C ASP B 168 15.57 -0.86 6.12
N VAL B 169 15.50 0.11 6.94
CA VAL B 169 14.38 0.97 7.17
C VAL B 169 13.85 1.78 5.98
N LEU B 170 14.64 2.47 5.15
CA LEU B 170 13.95 3.30 4.07
C LEU B 170 13.09 2.32 3.25
N TYR B 171 13.12 1.03 3.37
CA TYR B 171 12.26 0.17 2.55
C TYR B 171 11.23 -0.66 3.27
N ASN B 172 10.84 -0.40 4.52
CA ASN B 172 9.81 -1.07 5.24
C ASN B 172 10.01 -2.58 5.28
N MET B 173 11.19 -3.10 5.06
CA MET B 173 11.39 -4.55 5.06
C MET B 173 10.61 -5.23 3.92
N ASN B 174 10.23 -4.47 2.89
CA ASN B 174 9.55 -5.09 1.76
C ASN B 174 9.61 -4.37 0.44
N GLY B 175 10.43 -3.44 0.11
CA GLY B 175 10.42 -2.88 -1.21
C GLY B 175 9.48 -1.72 -1.34
N THR B 176 9.08 -1.11 -0.27
CA THR B 176 8.23 0.16 -0.35
C THR B 176 8.89 1.23 0.43
N LEU B 177 8.63 2.49 0.22
CA LEU B 177 9.40 3.55 0.93
C LEU B 177 8.83 3.94 2.27
N LEU B 178 9.67 4.18 3.28
CA LEU B 178 9.30 4.58 4.63
C LEU B 178 8.29 5.72 4.57
N GLY B 179 8.53 6.72 3.81
CA GLY B 179 7.62 7.83 3.62
C GLY B 179 6.21 7.48 3.40
N ASN B 180 5.81 6.37 2.80
CA ASN B 180 4.42 6.04 2.50
C ASN B 180 3.77 5.12 3.47
N LEU B 181 4.31 4.89 4.57
CA LEU B 181 3.78 3.99 5.61
C LEU B 181 2.59 4.71 6.23
N LEU B 182 2.51 5.98 5.96
CA LEU B 182 1.45 6.83 6.51
C LEU B 182 0.12 6.41 5.90
N ILE B 183 0.11 5.64 4.78
CA ILE B 183 -1.22 5.15 4.33
C ILE B 183 -1.75 4.10 5.33
N PHE B 184 -0.96 3.51 6.22
CA PHE B 184 -1.44 2.55 7.23
C PHE B 184 -1.85 3.27 8.51
N PRO B 185 -2.84 2.73 9.25
CA PRO B 185 -3.26 3.38 10.53
C PRO B 185 -2.02 3.69 11.31
N HIS B 186 -1.78 4.88 11.71
CA HIS B 186 -0.52 5.13 12.47
C HIS B 186 -0.68 6.36 13.30
N GLN B 187 0.30 6.60 14.12
CA GLN B 187 0.21 7.87 15.04
C GLN B 187 1.62 8.23 15.31
N PHE B 188 2.06 9.44 15.54
CA PHE B 188 3.48 9.81 15.78
C PHE B 188 3.64 10.01 17.28
N ILE B 189 4.79 9.90 17.85
CA ILE B 189 5.05 10.26 19.27
C ILE B 189 6.09 11.41 19.12
N ASN B 190 5.74 12.62 19.22
CA ASN B 190 6.75 13.76 19.01
C ASN B 190 6.97 14.31 20.44
N LEU B 191 8.18 14.09 20.95
CA LEU B 191 8.46 14.38 22.36
C LEU B 191 7.85 15.69 22.74
N ARG B 192 7.87 16.64 21.85
CA ARG B 192 7.34 17.96 22.15
C ARG B 192 5.84 17.98 22.29
N THR B 193 5.05 17.01 21.90
CA THR B 193 3.63 17.02 21.87
C THR B 193 2.99 15.98 22.75
N ASN B 194 3.11 14.80 22.44
CA ASN B 194 2.84 13.47 22.66
C ASN B 194 3.70 12.68 23.57
N ASN B 195 3.30 11.65 24.28
CA ASN B 195 4.22 10.79 25.07
C ASN B 195 3.77 9.36 24.86
N THR B 196 2.58 9.14 24.35
CA THR B 196 2.09 7.81 24.00
C THR B 196 1.43 7.88 22.64
N ALA B 197 1.14 6.73 22.07
CA ALA B 197 0.45 6.44 20.81
C ALA B 197 -0.50 5.28 21.15
N THR B 198 -1.74 5.29 20.73
CA THR B 198 -2.68 4.20 20.98
C THR B 198 -3.42 3.90 19.68
N ILE B 199 -3.43 2.66 19.29
CA ILE B 199 -4.13 2.25 18.07
C ILE B 199 -5.02 1.09 18.42
N VAL B 200 -6.27 1.07 18.04
CA VAL B 200 -7.20 -0.09 18.27
C VAL B 200 -7.24 -0.82 16.95
N ILE B 201 -6.96 -2.10 16.95
CA ILE B 201 -6.90 -2.93 15.72
C ILE B 201 -8.05 -3.94 15.69
N PRO B 202 -8.93 -3.80 14.72
CA PRO B 202 -10.00 -4.75 14.48
C PRO B 202 -9.38 -5.97 13.81
N TYR B 203 -9.91 -7.11 13.79
CA TYR B 203 -9.37 -8.32 13.16
C TYR B 203 -9.43 -8.20 11.66
N ILE B 204 -8.38 -8.22 10.89
CA ILE B 204 -8.42 -8.04 9.41
C ILE B 204 -7.91 -9.25 8.71
N ASN B 205 -8.66 -10.03 8.05
CA ASN B 205 -8.19 -11.26 7.36
C ASN B 205 -9.12 -11.55 6.20
N SER B 206 -8.76 -12.47 5.30
CA SER B 206 -9.54 -12.87 4.15
C SER B 206 -10.31 -14.18 4.49
N VAL B 207 -10.13 -14.67 5.68
CA VAL B 207 -10.89 -15.80 6.21
C VAL B 207 -11.45 -15.41 7.56
N PRO B 208 -12.55 -16.06 7.97
CA PRO B 208 -13.22 -15.64 9.20
C PRO B 208 -12.46 -15.87 10.48
N ILE B 209 -11.59 -16.79 10.51
CA ILE B 209 -10.77 -17.23 11.65
C ILE B 209 -9.60 -17.99 10.99
N ASP B 210 -8.49 -17.99 11.63
CA ASP B 210 -7.28 -18.57 11.03
C ASP B 210 -6.43 -19.24 12.05
N SER B 211 -5.27 -19.69 11.69
CA SER B 211 -4.35 -20.29 12.67
C SER B 211 -3.56 -19.21 13.33
N MET B 212 -3.31 -19.25 14.61
CA MET B 212 -2.55 -18.14 15.25
C MET B 212 -1.09 -18.37 15.14
N THR B 213 -0.64 -19.53 14.77
CA THR B 213 0.81 -19.78 14.76
C THR B 213 1.30 -19.74 13.38
N ARG B 214 0.66 -20.18 12.34
CA ARG B 214 1.34 -20.12 11.01
C ARG B 214 1.13 -18.81 10.36
N HIS B 215 0.37 -17.91 10.91
CA HIS B 215 0.17 -16.61 10.17
C HIS B 215 0.01 -15.44 11.10
N ASN B 216 0.80 -14.41 10.98
CA ASN B 216 0.70 -13.22 11.83
C ASN B 216 -0.14 -12.25 11.00
N ASN B 217 -1.03 -11.51 11.60
CA ASN B 217 -1.89 -10.68 10.75
C ASN B 217 -1.55 -9.25 10.87
N VAL B 218 -0.69 -8.77 11.71
CA VAL B 218 -0.27 -7.33 11.66
C VAL B 218 1.17 -7.30 12.19
N SER B 219 1.90 -6.35 11.71
CA SER B 219 3.24 -6.10 12.39
C SER B 219 3.00 -4.69 12.99
N LEU B 220 3.41 -4.48 14.16
CA LEU B 220 3.39 -3.15 14.82
C LEU B 220 4.81 -2.66 14.55
N MET B 221 5.06 -1.49 14.17
CA MET B 221 6.44 -1.01 13.89
C MET B 221 6.66 0.30 14.59
N VAL B 222 7.70 0.47 15.36
CA VAL B 222 7.98 1.80 16.00
C VAL B 222 9.30 2.24 15.33
N ILE B 223 9.35 3.35 14.65
CA ILE B 223 10.56 3.82 13.91
C ILE B 223 10.96 5.19 14.26
N PRO B 224 12.15 5.43 14.80
CA PRO B 224 12.56 6.86 15.06
C PRO B 224 12.64 7.54 13.70
N ILE B 225 12.13 8.68 13.47
CA ILE B 225 12.21 9.42 12.20
C ILE B 225 12.98 10.72 12.45
N ALA B 226 12.60 11.54 13.40
CA ALA B 226 13.45 12.69 13.75
C ALA B 226 14.25 12.06 14.94
N PRO B 227 15.54 11.99 14.74
CA PRO B 227 16.49 11.44 15.71
C PRO B 227 16.30 12.00 17.09
N LEU B 228 16.65 11.15 18.07
CA LEU B 228 16.51 11.61 19.49
C LEU B 228 17.57 12.64 19.74
N THR B 229 17.22 13.73 20.34
CA THR B 229 18.26 14.76 20.68
C THR B 229 18.13 15.15 22.11
N VAL B 230 19.03 14.71 23.00
CA VAL B 230 18.82 15.07 24.43
C VAL B 230 19.47 16.39 24.79
N PRO B 231 18.95 16.98 25.85
CA PRO B 231 19.53 18.24 26.37
C PRO B 231 20.98 17.94 26.71
N THR B 232 21.74 18.99 26.83
CA THR B 232 23.15 18.98 27.09
C THR B 232 23.53 18.26 28.37
N GLY B 233 24.49 17.35 28.04
CA GLY B 233 24.95 16.45 29.16
C GLY B 233 23.82 15.65 29.76
N ALA B 234 22.80 15.38 28.96
CA ALA B 234 21.74 14.45 29.42
C ALA B 234 22.25 13.09 29.00
N THR B 235 21.75 12.05 29.62
CA THR B 235 22.05 10.73 29.05
C THR B 235 21.45 10.66 27.65
N PRO B 236 22.20 10.17 26.80
CA PRO B 236 21.72 10.12 25.39
C PRO B 236 20.79 9.00 25.14
N SER B 237 19.84 8.65 25.97
CA SER B 237 18.85 7.61 25.46
C SER B 237 17.58 7.67 26.25
N LEU B 238 16.50 7.13 25.72
CA LEU B 238 15.16 7.03 26.41
C LEU B 238 14.66 5.62 26.23
N PRO B 239 13.98 5.02 27.16
CA PRO B 239 13.37 3.65 26.92
C PRO B 239 12.08 3.84 26.18
N ILE B 240 11.67 2.93 25.39
CA ILE B 240 10.32 2.95 24.72
C ILE B 240 9.59 1.71 25.28
N THR B 241 8.41 1.75 25.79
CA THR B 241 7.73 0.51 26.25
C THR B 241 6.53 0.19 25.42
N VAL B 242 6.26 -1.04 25.07
CA VAL B 242 5.02 -1.34 24.27
C VAL B 242 4.08 -2.15 25.14
N THR B 243 2.85 -1.75 25.42
CA THR B 243 1.87 -2.61 26.19
C THR B 243 0.77 -2.95 25.23
N ILE B 244 0.35 -4.13 25.04
CA ILE B 244 -0.69 -4.58 24.11
C ILE B 244 -1.75 -5.47 24.75
N ALA B 245 -3.03 -5.25 24.44
CA ALA B 245 -4.12 -6.08 25.02
C ALA B 245 -4.97 -6.74 23.99
N PRO B 246 -5.05 -8.03 23.94
CA PRO B 246 -6.00 -8.71 23.03
C PRO B 246 -7.39 -8.21 23.42
N MET B 247 -8.24 -8.12 22.39
CA MET B 247 -9.66 -7.66 22.67
C MET B 247 -10.54 -8.40 21.68
N CYS B 248 -11.70 -8.78 22.24
CA CYS B 248 -12.69 -9.67 21.67
C CYS B 248 -12.04 -11.00 21.22
N THR B 249 -11.19 -11.62 21.91
CA THR B 249 -10.55 -12.86 21.48
C THR B 249 -11.47 -14.03 21.50
N GLU B 250 -11.36 -14.89 20.49
CA GLU B 250 -12.17 -16.14 20.41
C GLU B 250 -11.22 -17.27 19.94
N PHE B 251 -11.36 -18.39 20.55
CA PHE B 251 -10.52 -19.55 20.16
C PHE B 251 -11.47 -20.64 19.75
N SER B 252 -11.09 -21.46 18.85
CA SER B 252 -11.94 -22.58 18.39
C SER B 252 -11.11 -23.74 17.92
N GLY B 253 -11.68 -24.94 18.05
CA GLY B 253 -10.98 -26.19 17.62
C GLY B 253 -9.88 -26.55 18.59
N ILE B 254 -10.25 -26.91 19.82
CA ILE B 254 -9.37 -27.25 20.89
C ILE B 254 -8.93 -28.72 20.75
N ARG B 255 -7.74 -28.94 21.23
CA ARG B 255 -7.10 -30.26 21.10
C ARG B 255 -5.79 -30.35 21.86
N SER B 256 -4.85 -30.92 21.15
CA SER B 256 -3.63 -31.37 21.73
C SER B 256 -2.67 -30.29 21.93
N LYS B 257 -2.54 -29.20 21.32
CA LYS B 257 -1.38 -28.28 21.74
C LYS B 257 -0.23 -28.31 20.72
N SER B 258 -0.18 -27.32 19.86
CA SER B 258 0.72 -27.19 18.78
C SER B 258 2.16 -27.22 19.27
N ILE B 259 2.97 -27.78 18.39
CA ILE B 259 4.48 -27.77 18.65
C ILE B 259 5.10 -26.95 17.54
N VAL B 260 5.78 -25.87 17.82
CA VAL B 260 6.20 -25.08 16.56
C VAL B 260 7.69 -25.03 16.56
N PRO B 261 8.28 -24.90 15.37
CA PRO B 261 9.68 -24.78 15.25
C PRO B 261 10.27 -23.80 16.29
N GLN B 262 11.44 -24.32 16.69
CA GLN B 262 12.49 -23.76 17.51
C GLN B 262 12.03 -23.46 18.90
N GLY C 1 -32.37 -17.48 -41.17
CA GLY C 1 -31.11 -16.54 -41.29
C GLY C 1 -31.08 -15.07 -41.48
N LEU C 2 -30.86 -14.19 -40.48
CA LEU C 2 -30.92 -12.74 -40.57
C LEU C 2 -29.76 -12.07 -41.24
N PRO C 3 -29.90 -11.25 -42.29
CA PRO C 3 -28.76 -10.65 -43.03
C PRO C 3 -27.96 -9.67 -42.24
N THR C 4 -26.65 -9.74 -42.17
CA THR C 4 -25.74 -8.87 -41.46
C THR C 4 -24.64 -8.37 -42.41
N THR C 5 -23.92 -7.37 -41.97
CA THR C 5 -22.76 -6.78 -42.62
C THR C 5 -21.63 -6.56 -41.63
N THR C 6 -20.40 -6.98 -41.78
CA THR C 6 -19.47 -6.68 -40.59
C THR C 6 -18.75 -5.44 -40.82
N LEU C 7 -18.46 -4.64 -39.77
CA LEU C 7 -17.79 -3.32 -39.98
C LEU C 7 -16.26 -3.44 -39.76
N PRO C 8 -15.61 -2.36 -40.16
CA PRO C 8 -14.17 -2.23 -39.91
C PRO C 8 -14.00 -2.45 -38.42
N GLY C 9 -13.02 -3.16 -37.96
CA GLY C 9 -12.71 -3.34 -36.53
C GLY C 9 -13.12 -4.74 -36.10
N SER C 10 -13.90 -5.40 -36.96
CA SER C 10 -14.29 -6.78 -36.58
C SER C 10 -13.01 -7.59 -36.30
N GLY C 11 -13.12 -8.49 -35.38
CA GLY C 11 -12.04 -9.29 -34.93
C GLY C 11 -10.98 -8.56 -34.17
N GLN C 12 -10.98 -7.31 -33.95
CA GLN C 12 -9.83 -6.69 -33.21
C GLN C 12 -9.93 -7.00 -31.76
N PHE C 13 -8.87 -6.93 -31.02
CA PHE C 13 -8.83 -7.07 -29.51
C PHE C 13 -8.37 -5.73 -28.93
N LEU C 14 -9.21 -5.00 -28.28
CA LEU C 14 -8.84 -3.66 -27.72
C LEU C 14 -8.72 -3.86 -26.24
N THR C 15 -7.59 -3.72 -25.58
CA THR C 15 -7.48 -4.14 -24.16
C THR C 15 -8.45 -3.42 -23.28
N THR C 16 -9.10 -2.37 -23.70
CA THR C 16 -9.98 -1.48 -22.94
C THR C 16 -11.43 -1.57 -23.15
N ASP C 17 -11.92 -2.48 -23.99
CA ASP C 17 -13.29 -2.67 -24.36
C ASP C 17 -13.94 -3.46 -23.21
N ASP C 18 -15.24 -3.49 -23.06
CA ASP C 18 -15.87 -4.21 -21.93
C ASP C 18 -17.09 -4.97 -22.39
N ARG C 19 -16.95 -6.24 -22.63
CA ARG C 19 -18.05 -7.05 -23.17
C ARG C 19 -18.25 -8.35 -22.38
N GLN C 20 -19.29 -9.11 -22.79
CA GLN C 20 -19.60 -10.39 -22.11
C GLN C 20 -18.79 -11.53 -22.72
N SER C 21 -18.53 -12.57 -22.04
CA SER C 21 -17.81 -13.73 -22.42
C SER C 21 -18.44 -14.95 -21.82
N PRO C 22 -18.28 -16.05 -22.47
CA PRO C 22 -18.76 -17.33 -21.83
C PRO C 22 -17.94 -17.64 -20.58
N SER C 23 -18.56 -18.16 -19.53
CA SER C 23 -17.80 -18.60 -18.34
C SER C 23 -17.23 -20.01 -18.62
N ALA C 24 -15.95 -20.22 -18.39
CA ALA C 24 -15.32 -21.54 -18.53
C ALA C 24 -15.82 -22.52 -17.46
N LEU C 25 -16.15 -22.12 -16.32
CA LEU C 25 -16.65 -22.82 -15.19
C LEU C 25 -18.17 -22.55 -14.97
N PRO C 26 -18.96 -23.17 -15.81
CA PRO C 26 -20.42 -23.03 -15.71
C PRO C 26 -20.81 -23.65 -14.37
N ASN C 27 -21.62 -22.89 -13.70
CA ASN C 27 -22.28 -23.20 -12.48
C ASN C 27 -21.59 -23.27 -11.15
N TYR C 28 -20.42 -22.85 -11.14
CA TYR C 28 -19.49 -22.83 -10.00
C TYR C 28 -19.93 -21.79 -9.01
N GLU C 29 -19.83 -22.02 -7.79
CA GLU C 29 -20.22 -21.14 -6.73
C GLU C 29 -19.13 -20.56 -5.94
N PRO C 30 -18.87 -19.26 -6.10
CA PRO C 30 -17.70 -18.62 -5.41
C PRO C 30 -17.81 -18.61 -3.91
N THR C 31 -16.70 -18.52 -3.16
CA THR C 31 -16.75 -18.44 -1.71
C THR C 31 -17.49 -17.21 -1.28
N PRO C 32 -18.28 -17.32 -0.24
CA PRO C 32 -19.08 -16.20 0.29
C PRO C 32 -18.20 -15.03 0.62
N ARG C 33 -18.64 -13.81 0.56
CA ARG C 33 -17.71 -12.70 1.00
C ARG C 33 -17.83 -12.57 2.52
N ILE C 34 -16.83 -12.29 3.28
CA ILE C 34 -17.05 -12.02 4.74
C ILE C 34 -16.74 -10.53 4.85
N HIS C 35 -16.82 -9.92 5.97
CA HIS C 35 -16.58 -8.44 6.03
C HIS C 35 -15.13 -8.16 6.23
N ILE C 36 -14.52 -7.21 5.63
CA ILE C 36 -13.03 -6.99 5.92
C ILE C 36 -12.98 -5.49 6.10
N PRO C 37 -12.46 -4.88 7.12
CA PRO C 37 -12.38 -3.41 7.22
C PRO C 37 -11.53 -2.90 6.08
N GLY C 38 -11.53 -1.65 5.70
CA GLY C 38 -10.69 -1.07 4.75
C GLY C 38 -10.98 -1.04 3.34
N LYS C 39 -12.18 -1.19 2.82
CA LYS C 39 -12.46 -1.27 1.36
C LYS C 39 -12.17 0.06 0.71
N VAL C 40 -11.52 -0.02 -0.46
CA VAL C 40 -11.18 1.20 -1.26
C VAL C 40 -12.11 1.26 -2.45
N HIS C 41 -12.69 2.36 -2.82
CA HIS C 41 -13.49 2.37 -4.02
C HIS C 41 -12.83 3.23 -5.10
N ASN C 42 -12.27 4.33 -4.79
CA ASN C 42 -11.70 5.25 -5.78
C ASN C 42 -10.26 5.54 -5.44
N LEU C 43 -9.41 5.71 -6.40
CA LEU C 43 -8.01 6.10 -6.02
C LEU C 43 -8.11 7.51 -5.41
N LEU C 44 -9.20 8.20 -5.68
CA LEU C 44 -9.36 9.59 -5.13
C LEU C 44 -9.54 9.46 -3.65
N GLU C 45 -9.96 8.30 -3.15
CA GLU C 45 -10.14 8.23 -1.70
C GLU C 45 -8.79 8.25 -0.99
N ILE C 46 -7.85 7.49 -1.55
CA ILE C 46 -6.56 7.37 -0.90
C ILE C 46 -5.62 8.51 -1.11
N ILE C 47 -5.59 9.23 -2.23
CA ILE C 47 -4.63 10.35 -2.38
C ILE C 47 -4.96 11.50 -1.44
N GLN C 48 -6.00 11.42 -0.61
CA GLN C 48 -6.27 12.46 0.39
C GLN C 48 -5.61 12.14 1.70
N VAL C 49 -5.07 10.98 1.89
CA VAL C 49 -4.26 10.67 3.11
C VAL C 49 -2.89 11.26 2.91
N ASP C 50 -2.35 11.99 3.88
CA ASP C 50 -1.02 12.63 3.59
C ASP C 50 0.08 11.62 3.92
N THR C 51 1.16 11.76 3.19
CA THR C 51 2.40 10.99 3.34
C THR C 51 3.56 11.98 3.27
N LEU C 52 4.67 11.58 3.81
CA LEU C 52 5.90 12.34 3.96
C LEU C 52 6.57 12.56 2.60
N ILE C 53 7.16 13.69 2.38
CA ILE C 53 7.93 14.06 1.20
C ILE C 53 9.42 14.04 1.47
N PRO C 54 10.20 13.29 0.73
CA PRO C 54 11.68 13.31 0.97
C PRO C 54 12.17 14.65 0.44
N MET C 55 11.92 15.75 1.10
CA MET C 55 12.27 17.07 0.65
C MET C 55 13.76 17.34 0.59
N ASN C 56 14.49 16.82 1.53
CA ASN C 56 15.90 16.88 1.73
C ASN C 56 16.69 15.89 0.87
N ASN C 57 16.25 15.62 -0.32
CA ASN C 57 16.85 15.03 -1.41
C ASN C 57 18.34 15.10 -1.73
N THR C 58 19.11 15.84 -1.07
CA THR C 58 20.48 16.14 -1.23
C THR C 58 21.37 15.02 -0.88
N HIS C 59 20.87 13.94 -0.34
CA HIS C 59 21.82 12.83 -0.08
C HIS C 59 22.15 12.12 -1.39
N THR C 60 23.02 11.13 -1.16
CA THR C 60 23.55 10.32 -2.23
C THR C 60 23.11 8.91 -2.30
N LYS C 61 22.47 8.39 -1.30
CA LYS C 61 21.85 7.02 -1.33
C LYS C 61 20.54 7.22 -0.56
N ASP C 62 19.46 6.51 -0.73
CA ASP C 62 18.20 6.83 -0.04
C ASP C 62 18.42 6.69 1.49
N GLU C 63 18.04 7.67 2.24
CA GLU C 63 18.19 7.61 3.70
C GLU C 63 17.06 8.31 4.42
N VAL C 64 16.81 7.93 5.70
CA VAL C 64 15.71 8.43 6.49
C VAL C 64 15.86 9.93 6.66
N ASN C 65 16.88 10.46 6.17
CA ASN C 65 17.34 11.80 6.50
C ASN C 65 16.94 12.78 5.49
N SER C 66 16.38 12.16 4.46
CA SER C 66 16.00 13.07 3.30
C SER C 66 14.55 13.43 3.49
N TYR C 67 14.00 12.89 4.61
CA TYR C 67 12.64 13.24 5.00
C TYR C 67 12.76 14.42 5.98
N LEU C 68 13.94 14.67 6.51
CA LEU C 68 14.12 15.72 7.52
C LEU C 68 14.61 17.03 6.92
N ILE C 69 13.84 18.10 7.04
CA ILE C 69 14.24 19.47 6.63
C ILE C 69 14.88 20.10 7.84
N PRO C 70 16.15 20.47 7.80
CA PRO C 70 16.81 20.99 9.03
C PRO C 70 16.51 22.46 9.18
N LEU C 71 16.59 22.93 10.39
CA LEU C 71 16.36 24.32 10.79
C LEU C 71 17.57 24.73 11.64
N ASN C 72 18.09 25.92 11.48
CA ASN C 72 19.20 26.44 12.24
C ASN C 72 18.83 27.47 13.24
N ALA C 73 19.22 27.43 14.52
CA ALA C 73 18.83 28.52 15.48
C ALA C 73 19.45 29.85 15.12
N ASN C 74 18.86 30.90 15.60
CA ASN C 74 19.29 32.21 15.27
C ASN C 74 19.55 32.59 13.87
N ARG C 75 19.08 32.06 12.81
CA ARG C 75 19.30 32.73 11.46
C ARG C 75 18.04 33.64 11.25
N GLN C 76 18.15 34.68 10.59
CA GLN C 76 17.11 35.72 10.36
C GLN C 76 16.84 35.75 8.87
N ASN C 77 15.89 36.41 8.33
CA ASN C 77 15.65 36.58 6.92
C ASN C 77 15.90 35.45 6.00
N GLU C 78 16.53 34.38 6.21
CA GLU C 78 17.00 33.34 5.26
C GLU C 78 16.09 32.31 4.77
N GLN C 79 16.46 31.44 3.82
CA GLN C 79 15.53 30.48 3.22
C GLN C 79 15.67 29.06 3.67
N VAL C 80 14.58 28.41 4.13
CA VAL C 80 14.59 27.04 4.64
C VAL C 80 14.61 25.98 3.56
N PHE C 81 13.91 26.09 2.49
CA PHE C 81 13.89 25.02 1.43
C PHE C 81 13.23 25.61 0.19
N GLY C 82 13.23 24.94 -0.92
CA GLY C 82 12.59 25.48 -2.15
C GLY C 82 12.34 24.22 -3.00
N THR C 83 11.41 24.22 -3.85
CA THR C 83 11.10 23.17 -4.77
C THR C 83 10.11 23.66 -5.84
N ASN C 84 10.17 23.09 -7.03
CA ASN C 84 9.07 23.51 -7.99
C ASN C 84 7.87 22.58 -7.68
N LEU C 85 6.78 22.78 -8.37
CA LEU C 85 5.63 21.89 -8.06
C LEU C 85 5.37 20.99 -9.24
N PHE C 86 6.32 20.18 -9.60
CA PHE C 86 6.01 19.16 -10.68
C PHE C 86 5.71 17.93 -9.82
N ILE C 87 4.42 17.76 -9.48
CA ILE C 87 4.02 16.64 -8.63
C ILE C 87 4.37 15.30 -9.21
N GLY C 88 4.66 15.21 -10.49
CA GLY C 88 5.01 13.87 -11.01
C GLY C 88 6.49 13.61 -11.07
N ASP C 89 7.31 14.41 -10.46
CA ASP C 89 8.73 14.29 -10.56
C ASP C 89 9.46 14.77 -9.38
N GLY C 90 10.79 14.59 -9.30
CA GLY C 90 11.47 15.28 -8.17
C GLY C 90 11.08 14.94 -6.81
N VAL C 91 10.97 15.80 -5.81
CA VAL C 91 10.61 15.35 -4.43
C VAL C 91 9.31 14.57 -4.37
N PHE C 92 8.27 15.03 -5.02
CA PHE C 92 6.94 14.49 -5.02
C PHE C 92 6.81 13.10 -5.54
N LYS C 93 7.69 12.76 -6.40
CA LYS C 93 7.57 11.53 -7.21
C LYS C 93 7.42 10.24 -6.51
N THR C 94 7.91 10.00 -5.33
CA THR C 94 7.89 8.72 -4.60
C THR C 94 6.80 8.72 -3.54
N THR C 95 6.24 9.89 -3.31
CA THR C 95 5.14 10.00 -2.34
C THR C 95 3.94 9.27 -2.93
N LEU C 96 2.98 8.91 -2.10
CA LEU C 96 1.77 8.22 -2.59
C LEU C 96 1.04 9.04 -3.62
N LEU C 97 0.98 10.36 -3.39
CA LEU C 97 0.33 11.27 -4.31
C LEU C 97 1.09 11.21 -5.65
N GLY C 98 2.36 11.42 -5.54
CA GLY C 98 3.20 11.43 -6.75
C GLY C 98 3.06 10.13 -7.52
N GLU C 99 2.99 9.08 -6.76
CA GLU C 99 2.99 7.69 -7.25
C GLU C 99 1.72 7.36 -7.95
N ILE C 100 0.59 7.94 -7.56
CA ILE C 100 -0.72 7.70 -8.18
C ILE C 100 -0.95 8.62 -9.37
N VAL C 101 -0.56 9.85 -9.23
CA VAL C 101 -0.63 10.87 -10.29
C VAL C 101 0.01 10.34 -11.56
N GLN C 102 1.02 9.55 -11.36
CA GLN C 102 1.79 8.95 -12.44
C GLN C 102 0.99 7.90 -13.16
N TYR C 103 -0.10 7.39 -12.61
CA TYR C 103 -0.95 6.46 -13.40
C TYR C 103 -1.86 7.29 -14.27
N TYR C 104 -1.87 8.60 -14.16
CA TYR C 104 -2.82 9.36 -15.04
C TYR C 104 -2.09 10.39 -15.83
N THR C 105 -2.66 10.85 -16.93
CA THR C 105 -2.02 11.86 -17.75
C THR C 105 -2.22 13.29 -17.35
N HIS C 106 -3.35 13.66 -16.85
CA HIS C 106 -3.75 15.04 -16.50
C HIS C 106 -4.16 15.16 -15.05
N TRP C 107 -3.93 16.25 -14.38
CA TRP C 107 -4.40 16.40 -12.98
C TRP C 107 -4.94 17.83 -12.89
N SER C 108 -5.80 18.11 -11.97
CA SER C 108 -6.26 19.49 -11.72
C SER C 108 -6.68 19.51 -10.26
N GLY C 109 -6.68 20.63 -9.55
CA GLY C 109 -7.07 20.58 -8.15
C GLY C 109 -6.17 21.25 -7.17
N SER C 110 -6.69 21.25 -5.86
CA SER C 110 -5.71 21.92 -4.90
C SER C 110 -4.88 20.95 -4.16
N LEU C 111 -3.68 21.27 -3.73
CA LEU C 111 -2.78 20.35 -3.00
C LEU C 111 -2.72 20.81 -1.54
N ARG C 112 -2.50 19.83 -0.66
CA ARG C 112 -2.37 20.37 0.75
C ARG C 112 -0.98 20.03 1.18
N PHE C 113 -0.16 21.01 1.49
CA PHE C 113 1.25 20.83 1.96
C PHE C 113 1.37 21.17 3.42
N SER C 114 1.65 20.35 4.33
CA SER C 114 1.74 20.69 5.77
C SER C 114 3.13 20.39 6.29
N LEU C 115 3.53 21.00 7.35
CA LEU C 115 4.88 20.87 7.97
C LEU C 115 4.65 20.53 9.43
N MET C 116 5.22 19.49 9.97
CA MET C 116 4.99 19.26 11.46
C MET C 116 6.31 19.59 12.14
N TYR C 117 6.35 20.41 13.16
CA TYR C 117 7.62 20.79 13.82
C TYR C 117 7.99 19.79 14.91
N THR C 118 9.28 19.42 15.01
CA THR C 118 9.74 18.43 15.97
C THR C 118 10.73 18.93 17.00
N GLY C 119 11.06 20.22 17.02
CA GLY C 119 12.02 20.80 18.00
C GLY C 119 11.57 20.72 19.43
N PRO C 120 12.51 20.89 20.38
CA PRO C 120 12.10 20.86 21.83
C PRO C 120 10.88 21.76 22.01
N ALA C 121 10.04 21.32 22.96
CA ALA C 121 8.90 22.10 23.36
C ALA C 121 9.24 23.51 23.84
N LEU C 122 10.33 23.80 24.49
CA LEU C 122 10.70 25.12 25.02
C LEU C 122 11.37 26.03 23.98
N SER C 123 11.34 25.64 22.70
CA SER C 123 11.89 26.51 21.66
C SER C 123 10.76 27.26 20.96
N SER C 124 11.06 28.12 20.02
CA SER C 124 9.93 28.84 19.35
C SER C 124 10.37 29.24 17.98
N ALA C 125 9.51 29.54 17.06
CA ALA C 125 10.01 29.91 15.70
C ALA C 125 8.83 30.48 14.94
N LYS C 126 9.06 31.30 13.95
CA LYS C 126 8.02 31.79 13.04
C LYS C 126 8.63 31.66 11.61
N LEU C 127 7.95 30.86 10.79
CA LEU C 127 8.29 30.62 9.44
C LEU C 127 7.22 31.15 8.50
N ILE C 128 7.59 31.46 7.30
CA ILE C 128 6.61 31.86 6.24
C ILE C 128 6.64 30.84 5.09
N LEU C 129 5.55 30.27 4.66
CA LEU C 129 5.59 29.35 3.53
C LEU C 129 4.97 30.15 2.35
N ALA C 130 5.50 30.06 1.18
CA ALA C 130 4.96 30.87 0.09
C ALA C 130 4.77 29.98 -1.11
N TYR C 131 3.66 30.09 -1.81
CA TYR C 131 3.34 29.43 -3.06
C TYR C 131 3.50 30.50 -4.16
N THR C 132 4.24 30.29 -5.19
CA THR C 132 4.43 31.35 -6.25
C THR C 132 3.73 30.83 -7.49
N PRO C 133 2.68 31.43 -7.96
CA PRO C 133 1.90 30.89 -9.11
C PRO C 133 2.72 31.06 -10.38
N PRO C 134 2.41 30.27 -11.35
CA PRO C 134 3.19 30.13 -12.59
C PRO C 134 3.42 31.46 -13.21
N GLY C 135 4.58 31.71 -13.81
CA GLY C 135 4.72 33.05 -14.44
C GLY C 135 5.83 33.84 -13.89
N ALA C 136 6.21 33.60 -12.68
CA ALA C 136 7.38 34.31 -12.03
C ALA C 136 8.44 33.29 -11.74
N ARG C 137 9.64 33.61 -11.39
CA ARG C 137 10.70 32.67 -11.03
C ARG C 137 10.55 32.20 -9.58
N GLY C 138 11.30 31.16 -9.26
CA GLY C 138 11.28 30.75 -7.77
C GLY C 138 11.78 32.04 -7.07
N PRO C 139 11.10 32.41 -6.00
CA PRO C 139 11.48 33.65 -5.28
C PRO C 139 12.93 33.45 -4.79
N GLN C 140 13.61 34.53 -4.78
CA GLN C 140 14.97 34.66 -4.33
C GLN C 140 15.19 35.24 -2.98
N ASP C 141 14.28 35.79 -2.32
CA ASP C 141 14.38 36.34 -0.95
C ASP C 141 12.91 36.46 -0.49
N ARG C 142 12.71 36.54 0.77
CA ARG C 142 11.35 36.54 1.39
C ARG C 142 10.56 37.69 0.83
N ARG C 143 11.26 38.76 0.43
CA ARG C 143 10.41 39.93 0.06
C ARG C 143 9.68 39.47 -1.20
N GLU C 144 10.50 38.84 -1.99
CA GLU C 144 9.92 38.39 -3.26
C GLU C 144 8.88 37.36 -2.95
N ALA C 145 9.18 36.49 -1.97
CA ALA C 145 8.29 35.34 -1.69
C ALA C 145 6.97 35.77 -1.11
N MET C 146 7.02 36.71 -0.22
CA MET C 146 5.84 37.15 0.56
C MET C 146 4.83 37.82 -0.32
N LEU C 147 5.06 38.18 -1.56
CA LEU C 147 4.05 38.84 -2.40
C LEU C 147 3.08 37.86 -3.09
N GLY C 148 3.15 36.60 -2.87
CA GLY C 148 2.34 35.55 -3.46
C GLY C 148 1.70 34.82 -2.27
N THR C 149 1.06 33.71 -2.54
CA THR C 149 0.30 32.94 -1.55
C THR C 149 1.20 32.58 -0.42
N HIS C 150 0.85 32.93 0.78
CA HIS C 150 1.83 32.62 1.89
C HIS C 150 1.09 32.45 3.19
N VAL C 151 1.61 31.87 4.22
CA VAL C 151 1.05 31.69 5.54
C VAL C 151 2.15 31.97 6.58
N VAL C 152 2.01 32.91 7.49
CA VAL C 152 3.06 33.00 8.57
C VAL C 152 2.72 31.90 9.55
N TRP C 153 3.57 30.99 9.79
CA TRP C 153 3.30 29.85 10.72
C TRP C 153 3.84 30.13 12.08
N ASP C 154 3.13 30.08 13.15
CA ASP C 154 3.78 30.42 14.48
C ASP C 154 3.90 29.08 15.16
N ILE C 155 5.06 28.64 15.48
CA ILE C 155 5.28 27.26 16.09
C ILE C 155 4.78 27.27 17.47
N GLY C 156 3.81 26.38 17.76
CA GLY C 156 3.24 26.39 19.10
C GLY C 156 2.87 24.99 19.52
N LEU C 157 1.87 25.00 20.39
CA LEU C 157 1.30 23.80 20.96
C LEU C 157 0.81 22.92 19.85
N GLN C 158 0.06 23.48 19.00
CA GLN C 158 -0.40 22.91 17.70
C GLN C 158 0.84 22.81 16.81
N SER C 159 1.18 21.53 16.61
CA SER C 159 2.45 21.16 16.00
C SER C 159 2.54 21.28 14.52
N THR C 160 1.48 21.09 13.75
CA THR C 160 1.47 21.15 12.30
C THR C 160 0.75 22.32 11.72
N ILE C 161 1.10 22.78 10.57
CA ILE C 161 0.54 23.83 9.82
C ILE C 161 0.20 23.22 8.42
N VAL C 162 -0.95 23.48 7.94
CA VAL C 162 -1.44 23.00 6.69
C VAL C 162 -1.56 24.12 5.69
N MET C 163 -0.70 24.20 4.73
CA MET C 163 -0.75 25.18 3.68
C MET C 163 -1.49 24.55 2.50
N THR C 164 -2.30 25.27 1.85
CA THR C 164 -3.03 24.70 0.62
C THR C 164 -2.45 25.33 -0.58
N ILE C 165 -2.12 24.66 -1.62
CA ILE C 165 -1.67 25.40 -2.90
C ILE C 165 -2.93 25.51 -3.70
N PRO C 166 -3.66 26.59 -3.58
CA PRO C 166 -4.97 26.67 -4.33
C PRO C 166 -4.75 26.55 -5.79
N TRP C 167 -5.64 25.90 -6.52
CA TRP C 167 -5.52 25.75 -7.98
C TRP C 167 -5.53 27.15 -8.67
N THR C 168 -4.35 27.59 -9.10
CA THR C 168 -4.20 28.80 -9.88
C THR C 168 -3.85 28.45 -11.31
N SER C 169 -4.78 28.61 -12.25
CA SER C 169 -4.50 28.17 -13.60
C SER C 169 -5.37 28.74 -14.65
N GLY C 170 -4.81 28.91 -15.83
CA GLY C 170 -5.59 29.39 -17.00
C GLY C 170 -6.34 28.09 -17.47
N VAL C 171 -5.59 27.22 -18.09
CA VAL C 171 -5.95 25.90 -18.59
C VAL C 171 -6.46 25.11 -17.40
N GLN C 172 -7.52 24.37 -17.58
CA GLN C 172 -8.13 23.60 -16.45
C GLN C 172 -7.50 22.32 -16.16
N PHE C 173 -6.54 21.86 -16.89
CA PHE C 173 -5.79 20.61 -16.53
C PHE C 173 -4.33 20.86 -16.85
N ARG C 174 -3.50 20.24 -16.13
CA ARG C 174 -2.03 20.26 -16.33
C ARG C 174 -1.61 18.83 -16.59
N TYR C 175 -0.47 18.70 -17.18
CA TYR C 175 0.14 17.34 -17.37
C TYR C 175 0.82 16.84 -16.12
N THR C 176 0.72 15.54 -15.76
CA THR C 176 1.45 15.06 -14.57
C THR C 176 2.94 14.97 -14.87
N ASP C 177 3.26 14.59 -16.05
CA ASP C 177 4.73 14.56 -16.48
C ASP C 177 5.09 15.99 -16.71
N PRO C 178 6.23 16.44 -16.28
CA PRO C 178 6.51 17.91 -16.23
C PRO C 178 6.45 18.46 -17.62
N ASP C 179 5.72 19.57 -17.69
CA ASP C 179 5.56 20.31 -18.97
C ASP C 179 5.53 21.80 -18.70
N THR C 180 6.07 22.60 -19.59
CA THR C 180 6.21 24.02 -19.34
C THR C 180 4.94 24.83 -19.31
N TYR C 181 4.22 24.71 -20.40
CA TYR C 181 3.03 25.55 -20.63
C TYR C 181 2.10 25.38 -19.41
N THR C 182 2.01 24.11 -19.07
CA THR C 182 1.30 23.50 -18.00
C THR C 182 1.98 23.54 -16.67
N SER C 183 2.92 24.42 -16.41
CA SER C 183 3.68 24.28 -15.12
C SER C 183 2.99 24.89 -13.96
N ALA C 184 3.14 24.48 -12.70
CA ALA C 184 2.39 25.02 -11.61
C ALA C 184 2.96 25.97 -10.65
N GLY C 185 4.18 26.41 -10.71
CA GLY C 185 4.74 27.33 -9.68
C GLY C 185 5.87 26.78 -8.83
N PHE C 186 6.15 27.42 -7.74
CA PHE C 186 7.15 27.09 -6.82
C PHE C 186 6.61 27.18 -5.39
N LEU C 187 7.32 26.48 -4.53
CA LEU C 187 6.92 26.53 -3.08
C LEU C 187 8.15 26.88 -2.32
N SER C 188 8.27 27.88 -1.52
CA SER C 188 9.52 28.17 -0.76
C SER C 188 9.17 28.37 0.69
N CYS C 189 10.13 28.43 1.60
CA CYS C 189 9.84 28.64 3.08
C CYS C 189 11.03 29.42 3.64
N TRP C 190 10.85 30.44 4.47
CA TRP C 190 11.90 31.32 4.99
C TRP C 190 11.71 31.56 6.43
N TYR C 191 12.70 31.97 7.17
CA TYR C 191 12.48 32.37 8.60
C TYR C 191 11.69 33.65 8.62
N GLN C 192 10.67 33.77 9.43
CA GLN C 192 9.83 34.99 9.49
C GLN C 192 10.45 35.86 10.59
N THR C 193 10.79 35.17 11.65
CA THR C 193 11.62 35.82 12.70
C THR C 193 12.81 34.85 12.80
N SER C 194 12.72 33.79 13.54
CA SER C 194 13.93 32.88 13.54
C SER C 194 13.73 31.80 14.53
N LEU C 195 14.40 30.64 14.48
CA LEU C 195 14.19 29.57 15.48
C LEU C 195 14.98 29.94 16.74
N ILE C 196 14.50 29.72 17.90
CA ILE C 196 15.26 30.10 19.17
C ILE C 196 15.32 28.93 20.07
N LEU C 197 16.44 28.36 20.46
CA LEU C 197 16.36 27.09 21.30
C LEU C 197 16.45 27.49 22.76
N PRO C 198 15.88 26.71 23.65
CA PRO C 198 16.04 27.03 25.10
C PRO C 198 17.45 26.73 25.50
N PRO C 199 17.86 27.21 26.67
CA PRO C 199 19.13 26.87 27.28
C PRO C 199 19.32 25.35 27.35
N GLU C 200 20.58 24.96 27.43
CA GLU C 200 20.92 23.54 27.66
C GLU C 200 20.56 22.73 26.45
N THR C 201 20.29 23.39 25.37
CA THR C 201 19.86 22.69 24.14
C THR C 201 20.70 23.06 22.98
N THR C 202 20.87 22.15 22.04
CA THR C 202 21.73 22.59 20.88
C THR C 202 21.60 21.87 19.59
N GLY C 203 22.11 22.57 18.55
CA GLY C 203 22.04 21.90 17.24
C GLY C 203 20.88 22.19 16.37
N GLN C 204 20.65 21.27 15.41
CA GLN C 204 19.59 21.45 14.41
C GLN C 204 18.27 20.85 14.89
N VAL C 205 17.20 21.45 14.45
CA VAL C 205 15.85 20.81 14.76
C VAL C 205 15.31 20.47 13.39
N TYR C 206 14.37 19.53 13.24
CA TYR C 206 13.86 19.27 11.89
C TYR C 206 12.38 19.41 11.77
N LEU C 207 11.92 19.73 10.59
CA LEU C 207 10.50 19.75 10.24
C LEU C 207 10.25 18.45 9.40
N LEU C 208 9.16 17.79 9.58
CA LEU C 208 8.71 16.73 8.68
C LEU C 208 7.73 17.39 7.70
N SER C 209 7.68 16.99 6.46
CA SER C 209 6.66 17.69 5.57
C SER C 209 5.79 16.66 4.90
N PHE C 210 4.48 16.88 4.79
CA PHE C 210 3.61 15.89 4.11
C PHE C 210 2.98 16.46 2.85
N ILE C 211 2.44 15.65 1.95
CA ILE C 211 1.62 16.10 0.83
C ILE C 211 0.42 15.13 0.64
N SER C 212 -0.72 15.66 0.40
CA SER C 212 -1.98 15.01 0.05
C SER C 212 -2.82 15.94 -0.84
N ALA C 213 -3.81 15.45 -1.51
CA ALA C 213 -4.63 16.23 -2.43
C ALA C 213 -5.88 16.74 -1.78
N CYS C 214 -6.36 17.89 -2.09
CA CYS C 214 -7.67 18.41 -1.56
C CYS C 214 -8.78 17.65 -2.26
N PRO C 215 -10.01 17.81 -1.77
CA PRO C 215 -11.17 17.09 -2.28
C PRO C 215 -11.57 17.61 -3.63
N ASP C 216 -11.07 18.60 -4.17
CA ASP C 216 -11.00 19.45 -5.28
C ASP C 216 -10.47 18.77 -6.51
N PHE C 217 -9.52 17.87 -6.26
CA PHE C 217 -8.65 17.17 -7.16
C PHE C 217 -9.27 16.33 -8.24
N LYS C 218 -8.79 16.31 -9.41
CA LYS C 218 -9.23 15.46 -10.52
C LYS C 218 -8.01 14.89 -11.21
N LEU C 219 -8.04 13.70 -11.64
CA LEU C 219 -6.96 12.96 -12.34
C LEU C 219 -7.70 12.30 -13.54
N ARG C 220 -7.18 12.25 -14.68
CA ARG C 220 -7.83 11.60 -15.81
C ARG C 220 -6.85 11.12 -16.84
N LEU C 221 -7.33 10.24 -17.73
CA LEU C 221 -6.66 9.60 -18.82
C LEU C 221 -5.50 8.70 -18.32
N MET C 222 -5.92 7.53 -17.93
CA MET C 222 -4.96 6.54 -17.35
C MET C 222 -3.91 6.13 -18.38
N LYS C 223 -2.76 5.87 -17.88
CA LYS C 223 -1.61 5.41 -18.62
C LYS C 223 -0.65 4.66 -17.68
N ASP C 224 0.42 4.21 -18.28
CA ASP C 224 1.44 3.39 -17.62
C ASP C 224 2.47 4.22 -16.88
N THR C 225 2.99 3.72 -15.78
CA THR C 225 3.87 4.54 -14.91
C THR C 225 5.30 4.31 -15.33
N GLN C 226 6.08 5.37 -15.30
CA GLN C 226 7.50 5.28 -15.55
C GLN C 226 8.12 4.68 -14.27
N THR C 227 7.38 4.52 -13.22
CA THR C 227 8.00 4.03 -12.01
C THR C 227 8.23 2.60 -11.88
N ILE C 228 8.09 1.76 -12.85
CA ILE C 228 8.33 0.31 -12.76
C ILE C 228 8.52 -0.36 -14.08
N SER C 229 9.53 -1.20 -14.14
CA SER C 229 9.83 -1.85 -15.48
C SER C 229 10.52 -3.18 -15.23
N GLN C 230 10.92 -3.85 -16.28
CA GLN C 230 11.50 -5.20 -16.02
C GLN C 230 12.18 -5.64 -17.26
N THR C 231 13.12 -6.60 -17.12
CA THR C 231 13.79 -7.09 -18.33
C THR C 231 13.45 -8.54 -18.56
N VAL C 232 13.19 -9.36 -17.62
CA VAL C 232 12.73 -10.76 -18.05
C VAL C 232 11.57 -11.11 -17.19
N ALA C 233 10.74 -12.06 -17.64
CA ALA C 233 9.56 -12.34 -16.74
C ALA C 233 10.08 -12.92 -15.43
N LEU C 234 9.46 -12.60 -14.34
CA LEU C 234 9.87 -13.24 -13.06
C LEU C 234 9.36 -14.67 -13.06
N THR C 235 9.93 -15.46 -12.18
CA THR C 235 9.45 -16.86 -11.93
C THR C 235 9.40 -17.13 -10.44
N GLU C 236 8.94 -18.33 -10.08
CA GLU C 236 8.75 -18.63 -8.61
C GLU C 236 10.11 -19.04 -8.06
N ILE D 29 -28.61 -6.44 -21.98
CA ILE D 29 -28.97 -7.88 -22.16
C ILE D 29 -27.90 -8.91 -21.88
N ASN D 30 -28.05 -9.73 -20.86
CA ASN D 30 -26.94 -10.71 -20.66
C ASN D 30 -27.19 -11.85 -21.61
N TYR D 31 -26.25 -12.30 -22.39
CA TYR D 31 -26.50 -13.48 -23.26
C TYR D 31 -26.15 -14.81 -22.60
N TYR D 32 -25.49 -14.67 -21.48
CA TYR D 32 -24.92 -15.82 -20.77
C TYR D 32 -25.51 -15.97 -19.39
N LYS D 33 -25.46 -17.23 -18.92
CA LYS D 33 -26.11 -17.61 -17.70
C LYS D 33 -25.41 -17.26 -16.42
N ASP D 34 -24.10 -17.28 -16.40
CA ASP D 34 -23.31 -17.09 -15.18
C ASP D 34 -22.99 -15.67 -14.92
N ALA D 35 -22.82 -15.25 -13.65
CA ALA D 35 -22.56 -13.81 -13.42
C ALA D 35 -21.16 -13.40 -13.79
N ALA D 36 -20.25 -14.34 -13.90
CA ALA D 36 -18.86 -13.94 -14.13
C ALA D 36 -18.79 -13.48 -15.56
N SER D 37 -19.91 -13.77 -16.24
CA SER D 37 -19.64 -13.57 -17.73
C SER D 37 -20.08 -12.24 -18.13
N THR D 38 -20.62 -11.47 -17.22
CA THR D 38 -21.13 -10.10 -17.52
C THR D 38 -20.00 -9.11 -17.60
N SER D 39 -20.29 -7.95 -18.17
CA SER D 39 -19.20 -6.97 -18.40
C SER D 39 -18.93 -6.28 -17.07
N SER D 40 -18.01 -5.33 -17.21
CA SER D 40 -17.41 -4.62 -16.05
C SER D 40 -18.52 -4.02 -15.21
N ALA D 41 -18.21 -3.80 -13.93
CA ALA D 41 -19.19 -3.33 -13.00
C ALA D 41 -19.71 -1.95 -13.03
N GLY D 42 -19.37 -0.82 -13.51
CA GLY D 42 -20.35 0.40 -13.04
C GLY D 42 -19.71 1.00 -11.81
N GLN D 43 -19.81 2.38 -11.72
CA GLN D 43 -18.97 3.12 -10.73
C GLN D 43 -19.60 3.22 -9.33
N SER D 44 -18.71 2.64 -8.45
CA SER D 44 -19.00 2.55 -7.06
C SER D 44 -19.85 3.79 -6.66
N LEU D 45 -19.15 4.84 -7.17
CA LEU D 45 -19.86 6.15 -6.74
C LEU D 45 -20.14 5.99 -5.22
N SER D 46 -19.03 5.27 -4.58
CA SER D 46 -19.20 5.18 -3.10
C SER D 46 -18.39 6.30 -2.47
N MET D 47 -17.08 6.19 -2.44
CA MET D 47 -16.24 7.31 -2.00
C MET D 47 -16.39 7.86 -0.62
N ASP D 48 -15.60 7.40 0.33
CA ASP D 48 -15.58 7.88 1.69
C ASP D 48 -14.19 7.71 2.30
N PRO D 49 -13.43 8.76 2.15
CA PRO D 49 -12.03 8.71 2.57
C PRO D 49 -11.93 8.71 4.06
N SER D 50 -12.89 8.94 4.81
CA SER D 50 -12.67 9.09 6.27
C SER D 50 -12.14 7.81 6.84
N LYS D 51 -12.36 6.65 6.37
CA LYS D 51 -11.73 5.49 7.09
C LYS D 51 -10.21 5.59 7.04
N PHE D 52 -9.67 6.21 6.03
CA PHE D 52 -8.25 6.42 5.79
C PHE D 52 -7.80 7.76 6.29
N THR D 53 -8.52 8.82 6.12
CA THR D 53 -8.00 10.17 6.50
C THR D 53 -8.31 10.60 7.91
N GLU D 54 -9.27 10.07 8.59
CA GLU D 54 -9.65 10.43 9.91
C GLU D 54 -10.09 9.25 10.73
N PRO D 55 -9.21 8.27 10.90
CA PRO D 55 -9.58 7.13 11.75
C PRO D 55 -9.35 7.47 13.20
N VAL D 56 -9.61 8.69 13.69
CA VAL D 56 -9.35 8.96 15.13
C VAL D 56 -10.54 8.56 15.98
N LYS D 57 -10.32 8.20 17.21
CA LYS D 57 -11.34 7.71 18.11
C LYS D 57 -12.20 8.88 18.51
N ASP D 58 -11.74 9.97 19.01
CA ASP D 58 -12.54 11.13 19.36
C ASP D 58 -12.38 12.11 18.13
N LEU D 59 -13.53 12.44 17.63
CA LEU D 59 -13.81 13.27 16.51
C LEU D 59 -13.09 14.63 16.60
N MET D 60 -12.51 14.98 15.51
CA MET D 60 -11.75 16.25 15.47
C MET D 60 -12.52 17.23 14.65
N LEU D 61 -12.87 18.43 15.18
CA LEU D 61 -13.50 19.44 14.28
C LEU D 61 -12.59 20.45 13.71
N LYS D 62 -12.63 20.62 12.43
CA LYS D 62 -11.64 21.61 11.79
C LYS D 62 -11.77 22.97 12.35
N GLY D 63 -10.77 23.58 12.98
CA GLY D 63 -11.12 25.01 13.43
C GLY D 63 -11.06 24.97 14.93
N ALA D 64 -11.52 23.88 15.48
CA ALA D 64 -11.29 23.71 16.94
C ALA D 64 -9.83 23.28 17.08
N PRO D 65 -9.24 23.55 18.22
CA PRO D 65 -7.88 23.14 18.53
C PRO D 65 -7.72 21.61 18.38
N ALA D 66 -6.62 21.20 17.83
CA ALA D 66 -6.28 19.77 17.70
C ALA D 66 -6.15 19.11 19.06
N LEU D 67 -5.36 19.75 19.92
CA LEU D 67 -5.15 19.12 21.28
C LEU D 67 -5.62 20.17 22.28
N ASN D 68 -6.52 19.78 23.07
CA ASN D 68 -7.24 20.53 24.10
C ASN D 68 -6.56 20.13 25.44
#